data_5HI3
#
_entry.id   5HI3
#
_cell.length_a   91.110
_cell.length_b   68.320
_cell.length_c   100.450
_cell.angle_alpha   90.00
_cell.angle_beta   90.82
_cell.angle_gamma   90.00
#
_symmetry.space_group_name_H-M   'P 1 21 1'
#
loop_
_entity.id
_entity.type
_entity.pdbx_description
1 polymer Interleukin-17A
2 polymer 'CAT-2000 FAB heavy chain'
3 polymer 'CAT-2000 FAB light chain'
4 polymer 'synthetic IL-17A peptide inhibitor'
5 non-polymer N-(4-{2-[({1-[2-(dimethylamino)-2-oxoethyl]cyclopentyl}acetyl)amino]ethyl}phenyl)-2-fluoro-Nalpha-[(1-methyl-1H-pyrazol-5-yl)carbonyl]-L-phenylalaninamide
6 water water
#
loop_
_entity_poly.entity_id
_entity_poly.type
_entity_poly.pdbx_seq_one_letter_code
_entity_poly.pdbx_strand_id
1 'polypeptide(L)'
;GITIPRNPGCPNSEDKNFPRTVMVNLNIHNRNTNTNPKRSSDYYNRSTSPWNLHRNEDPERYPSVIWEAKCRHLGCINAD
GNVDYHMNSVPIQQEILVLRREPPHCPNSFRLEKILVSVGCTCVTPIVHHVA
;
A,B
2 'polypeptide(L)'
;GSHHHHHHGSENLYFQGEVQLLESGGGLVQPGGSLRLSCAASGFTFSSYAMSWVRQAPGKGLEWVSAISGSGGSTYYADS
VKGRFTISRDNSKNTLYLQMNSLRAEDTAVYYCARDLIHGVTRNWGQGTLVTVSSASTKGPSVFPLAPSSKSTSGGTAAL
GCLVKDYFPQPVTVSWNSGALTSGVHTFPAVLQSSGLYSLSSVVTVPSSSLGTQTYICNVNHKPSNTKVDKKVEPKS
;
C,H
3 'polypeptide(L)'
;NFMLTQPHSVSESPGKTVTISCTRSSGSLANYYVQWYQQRPGSSPTIVIFANNQRPSGVPDRFSGSIDSSSNSASLTISG
LKTEDEADYYCQTYDPYSVVFGGGTKLTVLGQPKAAPSVTLFPPSSEELQANKATLVCLISDFYPGAVTVAWKADSSPVK
AGVETTTPSKQSNNKYAASSYLSLTPEQWKSHRSYSCQVTHEGSTVEKTVAPTE
;
D,L
4 'polypeptide(L)' (ACE)IHVTIPADLWDWINK I
#
# COMPACT_ATOMS: atom_id res chain seq x y z
N VAL A 22 35.18 -33.99 -4.95
CA VAL A 22 36.46 -33.28 -4.85
C VAL A 22 36.80 -32.91 -3.39
N MET A 23 38.10 -32.74 -3.08
CA MET A 23 38.59 -32.37 -1.74
C MET A 23 38.13 -30.96 -1.38
N VAL A 24 37.03 -30.86 -0.62
CA VAL A 24 36.42 -29.59 -0.20
C VAL A 24 37.26 -28.83 0.83
N ASN A 25 37.99 -29.56 1.71
CA ASN A 25 38.87 -29.04 2.79
C ASN A 25 38.34 -27.73 3.40
N LEU A 26 37.15 -27.80 3.99
CA LEU A 26 36.42 -26.66 4.58
C LEU A 26 37.05 -26.11 5.87
N ASN A 27 36.80 -24.82 6.14
CA ASN A 27 37.25 -24.08 7.33
C ASN A 27 36.03 -23.57 8.09
N ILE A 28 36.09 -23.57 9.43
CA ILE A 28 34.98 -23.09 10.27
C ILE A 28 35.34 -21.73 10.88
N HIS A 29 34.52 -20.70 10.57
CA HIS A 29 34.70 -19.31 11.02
C HIS A 29 33.62 -18.88 12.02
N ASN A 30 33.95 -17.85 12.84
CA ASN A 30 33.08 -17.26 13.87
C ASN A 30 31.87 -16.55 13.25
N ASN A 36 14.79 -14.03 14.24
CA ASN A 36 13.44 -13.47 14.25
C ASN A 36 13.34 -12.14 13.49
N PRO A 37 12.39 -12.01 12.51
CA PRO A 37 12.28 -10.76 11.73
C PRO A 37 11.61 -9.58 12.44
N LYS A 38 10.87 -9.81 13.56
CA LYS A 38 10.18 -8.78 14.36
C LYS A 38 11.15 -7.81 15.03
N ARG A 39 12.35 -8.31 15.37
CA ARG A 39 13.43 -7.59 16.06
C ARG A 39 14.31 -6.77 15.11
N SER A 40 14.33 -7.14 13.82
CA SER A 40 15.08 -6.44 12.77
C SER A 40 14.20 -5.40 12.05
N SER A 41 12.90 -5.71 11.84
CA SER A 41 11.94 -4.83 11.16
C SER A 41 10.54 -4.92 11.72
N ASP A 42 9.83 -3.80 11.76
CA ASP A 42 8.45 -3.74 12.24
C ASP A 42 7.45 -3.32 11.15
N TYR A 43 7.85 -3.40 9.84
CA TYR A 43 6.96 -3.11 8.69
C TYR A 43 5.71 -3.99 8.73
N TYR A 44 5.81 -5.21 9.31
CA TYR A 44 4.71 -6.18 9.46
C TYR A 44 3.53 -5.56 10.23
N ASN A 45 3.84 -4.64 11.15
CA ASN A 45 2.80 -3.99 11.94
C ASN A 45 2.33 -2.66 11.32
N ARG A 46 3.18 -2.05 10.50
CA ARG A 46 2.95 -0.70 9.98
C ARG A 46 2.39 -0.67 8.55
N SER A 47 2.46 -1.80 7.84
CA SER A 47 1.97 -1.96 6.49
C SER A 47 0.44 -1.83 6.42
N THR A 48 -0.09 -1.37 5.25
CA THR A 48 -1.53 -1.36 4.95
C THR A 48 -1.98 -2.81 4.67
N SER A 49 -1.02 -3.71 4.45
CA SER A 49 -1.27 -5.14 4.24
C SER A 49 -0.43 -5.82 5.33
N PRO A 50 -0.82 -5.67 6.64
CA PRO A 50 0.01 -6.22 7.72
C PRO A 50 0.09 -7.75 7.73
N TRP A 51 1.14 -8.27 8.37
CA TRP A 51 1.32 -9.72 8.44
C TRP A 51 1.81 -10.19 9.80
N ASN A 52 1.70 -11.49 10.04
CA ASN A 52 2.19 -12.16 11.24
C ASN A 52 3.27 -13.11 10.78
N LEU A 53 4.18 -13.51 11.69
CA LEU A 53 5.27 -14.42 11.35
C LEU A 53 5.13 -15.74 12.08
N HIS A 54 5.11 -16.84 11.33
CA HIS A 54 4.95 -18.18 11.89
C HIS A 54 6.21 -19.02 11.71
N ARG A 55 6.59 -19.77 12.76
CA ARG A 55 7.80 -20.63 12.73
C ARG A 55 7.53 -21.97 12.03
N ASN A 56 8.27 -22.23 10.95
CA ASN A 56 8.18 -23.47 10.20
C ASN A 56 9.40 -24.28 10.63
N GLU A 57 9.21 -25.21 11.58
CA GLU A 57 10.29 -26.02 12.14
C GLU A 57 10.52 -27.33 11.38
N ASP A 58 11.81 -27.68 11.19
CA ASP A 58 12.25 -28.90 10.50
C ASP A 58 13.70 -29.26 10.94
N PRO A 59 13.89 -30.28 11.82
CA PRO A 59 15.27 -30.62 12.26
C PRO A 59 16.14 -31.28 11.18
N GLU A 60 15.50 -31.87 10.14
CA GLU A 60 16.14 -32.54 9.00
C GLU A 60 16.39 -31.58 7.81
N ARG A 61 16.41 -30.27 8.09
CA ARG A 61 16.60 -29.20 7.11
C ARG A 61 17.47 -28.09 7.71
N TYR A 62 18.35 -27.50 6.88
CA TYR A 62 19.22 -26.40 7.28
C TYR A 62 18.84 -25.10 6.54
N PRO A 63 18.40 -24.03 7.25
CA PRO A 63 18.16 -23.93 8.70
C PRO A 63 16.89 -24.62 9.16
N SER A 64 16.89 -25.04 10.44
CA SER A 64 15.78 -25.74 11.08
C SER A 64 14.53 -24.89 11.21
N VAL A 65 14.70 -23.60 11.56
CA VAL A 65 13.59 -22.66 11.72
C VAL A 65 13.57 -21.63 10.58
N ILE A 66 12.40 -21.50 9.92
CA ILE A 66 12.14 -20.53 8.86
C ILE A 66 10.87 -19.75 9.23
N TRP A 67 10.99 -18.41 9.34
CA TRP A 67 9.88 -17.53 9.67
C TRP A 67 9.12 -17.18 8.40
N GLU A 68 7.83 -17.57 8.34
CA GLU A 68 7.00 -17.30 7.18
C GLU A 68 5.93 -16.25 7.44
N ALA A 69 5.79 -15.30 6.51
CA ALA A 69 4.82 -14.22 6.61
C ALA A 69 3.41 -14.69 6.22
N LYS A 70 2.43 -14.38 7.06
CA LYS A 70 1.02 -14.72 6.78
C LYS A 70 0.20 -13.44 6.93
N CYS A 71 -0.40 -12.98 5.81
CA CYS A 71 -1.22 -11.77 5.77
C CYS A 71 -2.31 -11.85 6.82
N ARG A 72 -2.49 -10.78 7.59
CA ARG A 72 -3.49 -10.75 8.65
C ARG A 72 -4.92 -10.72 8.13
N HIS A 73 -5.13 -10.00 7.02
CA HIS A 73 -6.44 -9.75 6.42
C HIS A 73 -6.45 -10.07 4.95
N LEU A 74 -7.66 -10.26 4.40
CA LEU A 74 -7.89 -10.47 2.98
C LEU A 74 -7.74 -9.08 2.30
N GLY A 75 -8.39 -8.06 2.85
CA GLY A 75 -8.31 -6.68 2.35
C GLY A 75 -7.08 -5.95 2.86
N CYS A 76 -6.99 -4.66 2.54
CA CYS A 76 -5.90 -3.79 3.03
C CYS A 76 -6.51 -2.77 4.00
N ILE A 77 -5.71 -2.22 4.91
CA ILE A 77 -6.13 -1.21 5.90
C ILE A 77 -6.15 0.15 5.21
N ASN A 78 -7.34 0.76 5.11
CA ASN A 78 -7.50 2.03 4.42
C ASN A 78 -7.18 3.24 5.32
N ALA A 79 -7.36 4.46 4.77
CA ALA A 79 -7.10 5.74 5.43
C ALA A 79 -7.81 5.96 6.79
N ASP A 80 -8.98 5.31 7.00
CA ASP A 80 -9.78 5.42 8.24
C ASP A 80 -9.48 4.29 9.26
N GLY A 81 -8.60 3.35 8.90
CA GLY A 81 -8.23 2.22 9.75
C GLY A 81 -9.08 0.97 9.55
N ASN A 82 -9.94 0.96 8.53
CA ASN A 82 -10.76 -0.22 8.31
C ASN A 82 -10.19 -1.12 7.24
N VAL A 83 -10.57 -2.40 7.29
CA VAL A 83 -10.21 -3.40 6.28
C VAL A 83 -11.05 -3.03 5.04
N ASP A 84 -10.37 -2.73 3.94
CA ASP A 84 -10.99 -2.35 2.68
C ASP A 84 -10.85 -3.50 1.70
N TYR A 85 -11.98 -3.99 1.18
CA TYR A 85 -12.03 -5.13 0.26
C TYR A 85 -12.01 -4.72 -1.23
N HIS A 86 -11.70 -3.44 -1.51
CA HIS A 86 -11.46 -2.93 -2.88
C HIS A 86 -9.99 -3.30 -3.26
N MET A 87 -9.27 -3.87 -2.30
CA MET A 87 -7.88 -4.28 -2.46
C MET A 87 -7.59 -5.52 -1.67
N ASN A 88 -6.48 -6.19 -1.98
CA ASN A 88 -6.13 -7.43 -1.27
C ASN A 88 -4.72 -7.42 -0.77
N SER A 89 -4.50 -7.98 0.44
CA SER A 89 -3.19 -8.25 1.02
C SER A 89 -2.77 -9.57 0.39
N VAL A 90 -1.57 -9.61 -0.21
CA VAL A 90 -1.04 -10.79 -0.87
C VAL A 90 0.39 -11.02 -0.39
N PRO A 91 0.82 -12.30 -0.18
CA PRO A 91 2.20 -12.53 0.26
C PRO A 91 3.20 -12.39 -0.90
N ILE A 92 4.38 -11.85 -0.61
CA ILE A 92 5.48 -11.78 -1.56
C ILE A 92 6.35 -13.00 -1.23
N GLN A 93 6.37 -13.96 -2.16
CA GLN A 93 7.11 -15.20 -2.01
C GLN A 93 8.42 -15.15 -2.77
N GLN A 94 9.51 -15.60 -2.12
CA GLN A 94 10.83 -15.66 -2.73
C GLN A 94 11.29 -17.12 -2.76
N GLU A 95 11.83 -17.55 -3.91
CA GLU A 95 12.39 -18.89 -4.09
C GLU A 95 13.78 -18.85 -3.46
N ILE A 96 14.03 -19.75 -2.50
CA ILE A 96 15.29 -19.85 -1.75
C ILE A 96 15.79 -21.29 -1.72
N LEU A 97 17.12 -21.48 -1.81
CA LEU A 97 17.73 -22.81 -1.72
C LEU A 97 17.96 -23.16 -0.27
N VAL A 98 17.58 -24.37 0.09
CA VAL A 98 17.66 -24.88 1.44
C VAL A 98 18.39 -26.24 1.44
N LEU A 99 19.03 -26.58 2.56
CA LEU A 99 19.77 -27.84 2.68
C LEU A 99 18.92 -28.89 3.40
N ARG A 100 18.99 -30.15 2.94
CA ARG A 100 18.22 -31.27 3.52
C ARG A 100 19.04 -32.55 3.65
N ARG A 101 18.66 -33.41 4.61
CA ARG A 101 19.27 -34.72 4.83
C ARG A 101 18.48 -35.75 4.00
N GLU A 102 19.17 -36.53 3.16
CA GLU A 102 18.48 -37.53 2.30
C GLU A 102 19.19 -38.87 2.32
N ASN A 108 25.24 -38.55 6.35
CA ASN A 108 26.41 -38.35 5.49
C ASN A 108 26.09 -37.58 4.19
N SER A 109 24.91 -37.88 3.59
CA SER A 109 24.46 -37.29 2.33
C SER A 109 23.44 -36.17 2.50
N PHE A 110 23.57 -35.14 1.67
CA PHE A 110 22.68 -33.97 1.64
C PHE A 110 22.20 -33.63 0.23
N ARG A 111 21.09 -32.88 0.13
CA ARG A 111 20.51 -32.45 -1.14
C ARG A 111 20.10 -30.98 -1.05
N LEU A 112 20.41 -30.20 -2.09
CA LEU A 112 20.05 -28.79 -2.16
C LEU A 112 18.68 -28.66 -2.81
N GLU A 113 17.66 -28.30 -2.01
CA GLU A 113 16.28 -28.14 -2.46
C GLU A 113 15.84 -26.70 -2.56
N LYS A 114 15.08 -26.39 -3.62
CA LYS A 114 14.53 -25.07 -3.87
C LYS A 114 13.15 -25.00 -3.19
N ILE A 115 13.02 -24.09 -2.21
CA ILE A 115 11.79 -23.90 -1.44
C ILE A 115 11.26 -22.46 -1.64
N LEU A 116 9.96 -22.26 -1.43
CA LEU A 116 9.30 -20.97 -1.60
C LEU A 116 8.87 -20.45 -0.23
N VAL A 117 9.26 -19.20 0.13
CA VAL A 117 8.95 -18.61 1.43
C VAL A 117 8.31 -17.23 1.29
N SER A 118 7.33 -16.93 2.16
CA SER A 118 6.68 -15.62 2.18
C SER A 118 7.50 -14.73 3.11
N VAL A 119 8.03 -13.68 2.54
CA VAL A 119 8.87 -12.68 3.22
C VAL A 119 7.99 -11.60 3.88
N GLY A 120 6.92 -11.19 3.22
CA GLY A 120 6.01 -10.17 3.71
C GLY A 120 4.80 -10.05 2.82
N CYS A 121 3.93 -9.07 3.08
CA CYS A 121 2.73 -8.87 2.28
C CYS A 121 2.71 -7.50 1.62
N THR A 122 2.05 -7.41 0.46
CA THR A 122 1.86 -6.16 -0.26
C THR A 122 0.36 -6.01 -0.55
N CYS A 123 -0.06 -4.82 -0.93
CA CYS A 123 -1.45 -4.53 -1.23
C CYS A 123 -1.64 -4.39 -2.73
N VAL A 124 -2.53 -5.23 -3.31
CA VAL A 124 -2.84 -5.18 -4.74
C VAL A 124 -4.26 -4.68 -4.97
N THR A 125 -4.48 -3.97 -6.08
CA THR A 125 -5.81 -3.46 -6.46
C THR A 125 -6.12 -3.94 -7.88
N PRO A 126 -7.42 -4.02 -8.26
CA PRO A 126 -7.76 -4.45 -9.63
C PRO A 126 -7.61 -3.36 -10.70
N ILE A 127 -7.36 -2.11 -10.30
CA ILE A 127 -7.20 -0.98 -11.22
C ILE A 127 -5.73 -0.59 -11.27
N VAL A 128 -5.08 -0.82 -12.41
CA VAL A 128 -3.66 -0.46 -12.58
C VAL A 128 -3.56 0.91 -13.23
N HIS A 129 -2.95 1.86 -12.51
CA HIS A 129 -2.78 3.25 -12.90
C HIS A 129 -1.38 3.52 -13.47
N HIS A 130 -1.28 4.61 -14.25
CA HIS A 130 -0.04 5.06 -14.88
C HIS A 130 0.44 6.36 -14.26
N VAL A 131 1.65 6.33 -13.64
CA VAL A 131 2.32 7.46 -12.97
C VAL A 131 3.79 7.11 -12.70
N ASN B 36 14.31 -14.37 -13.76
CA ASN B 36 13.59 -13.09 -13.73
C ASN B 36 12.26 -13.17 -12.96
N PRO B 37 12.01 -12.25 -11.99
CA PRO B 37 10.76 -12.31 -11.21
C PRO B 37 9.48 -11.78 -11.91
N LYS B 38 9.63 -11.00 -13.01
CA LYS B 38 8.53 -10.43 -13.80
C LYS B 38 7.69 -11.52 -14.48
N ARG B 39 8.32 -12.64 -14.84
CA ARG B 39 7.74 -13.78 -15.54
C ARG B 39 7.02 -14.76 -14.59
N SER B 40 7.38 -14.76 -13.30
CA SER B 40 6.76 -15.59 -12.27
C SER B 40 5.63 -14.84 -11.55
N SER B 41 5.80 -13.52 -11.31
CA SER B 41 4.81 -12.69 -10.62
C SER B 41 4.72 -11.27 -11.17
N ASP B 42 3.51 -10.70 -11.18
CA ASP B 42 3.28 -9.35 -11.66
C ASP B 42 2.76 -8.41 -10.56
N TYR B 43 2.88 -8.81 -9.26
CA TYR B 43 2.51 -7.97 -8.11
C TYR B 43 3.24 -6.62 -8.14
N TYR B 44 4.46 -6.58 -8.71
CA TYR B 44 5.29 -5.38 -8.86
C TYR B 44 4.55 -4.28 -9.61
N ASN B 45 3.67 -4.65 -10.51
CA ASN B 45 2.93 -3.69 -11.30
C ASN B 45 1.53 -3.43 -10.73
N ARG B 46 1.02 -4.32 -9.87
CA ARG B 46 -0.34 -4.23 -9.34
C ARG B 46 -0.43 -3.71 -7.89
N SER B 47 0.72 -3.61 -7.24
CA SER B 47 0.81 -3.13 -5.86
C SER B 47 0.52 -1.63 -5.75
N THR B 48 -0.01 -1.17 -4.57
CA THR B 48 -0.18 0.27 -4.26
C THR B 48 1.22 0.87 -3.97
N SER B 49 2.22 0.01 -3.77
CA SER B 49 3.61 0.40 -3.57
C SER B 49 4.39 -0.34 -4.67
N PRO B 50 4.20 0.04 -5.97
CA PRO B 50 4.83 -0.73 -7.06
C PRO B 50 6.34 -0.64 -7.08
N TRP B 51 6.99 -1.62 -7.73
CA TRP B 51 8.43 -1.63 -7.80
C TRP B 51 8.96 -2.07 -9.17
N ASN B 52 10.25 -1.78 -9.42
CA ASN B 52 10.96 -2.16 -10.62
C ASN B 52 12.04 -3.13 -10.15
N LEU B 53 12.55 -3.96 -11.06
CA LEU B 53 13.58 -4.94 -10.74
C LEU B 53 14.86 -4.61 -11.47
N HIS B 54 15.95 -4.47 -10.69
CA HIS B 54 17.27 -4.12 -11.22
C HIS B 54 18.25 -5.27 -11.05
N ARG B 55 19.04 -5.54 -12.10
CA ARG B 55 20.04 -6.61 -12.08
C ARG B 55 21.32 -6.16 -11.34
N ASN B 56 21.65 -6.87 -10.25
CA ASN B 56 22.86 -6.63 -9.48
C ASN B 56 23.83 -7.71 -9.89
N GLU B 57 24.74 -7.35 -10.82
CA GLU B 57 25.72 -8.29 -11.39
C GLU B 57 27.01 -8.33 -10.60
N ASP B 58 27.55 -9.56 -10.40
CA ASP B 58 28.79 -9.84 -9.68
C ASP B 58 29.39 -11.19 -10.15
N PRO B 59 30.44 -11.21 -11.01
CA PRO B 59 31.00 -12.49 -11.46
C PRO B 59 31.75 -13.28 -10.38
N GLU B 60 32.20 -12.59 -9.30
CA GLU B 60 32.93 -13.16 -8.16
C GLU B 60 31.97 -13.59 -7.01
N ARG B 61 30.69 -13.80 -7.34
CA ARG B 61 29.63 -14.19 -6.41
C ARG B 61 28.68 -15.20 -7.07
N TYR B 62 28.20 -16.19 -6.30
CA TYR B 62 27.27 -17.19 -6.78
C TYR B 62 25.92 -17.06 -6.07
N PRO B 63 24.81 -16.74 -6.79
CA PRO B 63 24.71 -16.48 -8.24
C PRO B 63 25.22 -15.10 -8.64
N SER B 64 25.67 -14.99 -9.90
CA SER B 64 26.22 -13.77 -10.48
C SER B 64 25.18 -12.65 -10.60
N VAL B 65 23.95 -13.00 -10.98
CA VAL B 65 22.85 -12.05 -11.15
C VAL B 65 21.81 -12.21 -10.03
N ILE B 66 21.48 -11.10 -9.36
CA ILE B 66 20.45 -11.02 -8.31
C ILE B 66 19.51 -9.86 -8.67
N TRP B 67 18.21 -10.17 -8.81
CA TRP B 67 17.20 -9.16 -9.12
C TRP B 67 16.74 -8.47 -7.85
N GLU B 68 16.98 -7.15 -7.74
CA GLU B 68 16.60 -6.40 -6.56
C GLU B 68 15.44 -5.46 -6.82
N ALA B 69 14.48 -5.47 -5.90
CA ALA B 69 13.31 -4.61 -6.00
C ALA B 69 13.62 -3.16 -5.58
N LYS B 70 13.20 -2.20 -6.42
CA LYS B 70 13.36 -0.79 -6.11
C LYS B 70 12.00 -0.13 -6.26
N CYS B 71 11.48 0.43 -5.17
CA CYS B 71 10.19 1.09 -5.13
C CYS B 71 10.14 2.20 -6.18
N ARG B 72 9.07 2.26 -6.95
CA ARG B 72 8.91 3.26 -8.00
C ARG B 72 8.70 4.67 -7.48
N HIS B 73 7.96 4.77 -6.36
CA HIS B 73 7.58 6.05 -5.76
C HIS B 73 7.94 6.08 -4.31
N LEU B 74 8.01 7.30 -3.75
CA LEU B 74 8.22 7.52 -2.33
C LEU B 74 6.87 7.21 -1.63
N GLY B 75 5.78 7.78 -2.16
CA GLY B 75 4.43 7.56 -1.64
C GLY B 75 3.82 6.26 -2.14
N CYS B 76 2.55 6.04 -1.81
CA CYS B 76 1.80 4.87 -2.29
C CYS B 76 0.70 5.36 -3.24
N ILE B 77 0.24 4.51 -4.18
CA ILE B 77 -0.84 4.83 -5.13
C ILE B 77 -2.17 4.71 -4.41
N ASN B 78 -2.91 5.83 -4.29
CA ASN B 78 -4.18 5.86 -3.55
C ASN B 78 -5.38 5.42 -4.41
N ALA B 79 -6.58 5.50 -3.81
CA ALA B 79 -7.87 5.11 -4.42
C ALA B 79 -8.19 5.79 -5.77
N ASP B 80 -7.67 7.01 -6.01
CA ASP B 80 -7.90 7.78 -7.24
C ASP B 80 -6.78 7.60 -8.30
N GLY B 81 -5.74 6.82 -7.97
CA GLY B 81 -4.59 6.59 -8.84
C GLY B 81 -3.44 7.56 -8.69
N ASN B 82 -3.48 8.40 -7.66
CA ASN B 82 -2.38 9.35 -7.48
C ASN B 82 -1.40 8.86 -6.44
N VAL B 83 -0.16 9.37 -6.52
CA VAL B 83 0.89 9.11 -5.54
C VAL B 83 0.47 9.90 -4.28
N ASP B 84 0.27 9.20 -3.18
CA ASP B 84 -0.16 9.78 -1.91
C ASP B 84 1.02 9.75 -0.95
N TYR B 85 1.40 10.95 -0.44
CA TYR B 85 2.55 11.10 0.46
C TYR B 85 2.18 11.04 1.95
N HIS B 86 0.95 10.60 2.27
CA HIS B 86 0.50 10.31 3.65
C HIS B 86 0.99 8.88 4.00
N MET B 87 1.62 8.22 3.04
CA MET B 87 2.16 6.86 3.19
C MET B 87 3.43 6.72 2.39
N ASN B 88 4.21 5.67 2.68
CA ASN B 88 5.45 5.45 1.97
C ASN B 88 5.58 4.04 1.44
N SER B 89 6.13 3.90 0.22
CA SER B 89 6.49 2.60 -0.35
C SER B 89 7.87 2.31 0.27
N VAL B 90 8.03 1.13 0.83
CA VAL B 90 9.28 0.73 1.50
C VAL B 90 9.66 -0.67 1.02
N PRO B 91 10.96 -0.97 0.80
CA PRO B 91 11.33 -2.32 0.37
C PRO B 91 11.27 -3.32 1.52
N ILE B 92 10.87 -4.57 1.21
CA ILE B 92 10.91 -5.67 2.15
C ILE B 92 12.21 -6.39 1.83
N GLN B 93 13.15 -6.33 2.76
CA GLN B 93 14.47 -6.93 2.62
C GLN B 93 14.56 -8.26 3.35
N GLN B 94 15.21 -9.23 2.72
CA GLN B 94 15.40 -10.58 3.21
C GLN B 94 16.88 -10.87 3.32
N GLU B 95 17.30 -11.42 4.45
CA GLU B 95 18.68 -11.84 4.65
C GLU B 95 18.82 -13.21 3.99
N ILE B 96 19.74 -13.32 3.03
CA ILE B 96 20.01 -14.54 2.25
C ILE B 96 21.50 -14.87 2.21
N LEU B 97 21.86 -16.15 2.25
CA LEU B 97 23.25 -16.61 2.16
C LEU B 97 23.66 -16.73 0.72
N VAL B 98 24.81 -16.18 0.40
CA VAL B 98 25.37 -16.14 -0.93
C VAL B 98 26.81 -16.67 -0.92
N LEU B 99 27.29 -17.20 -2.06
CA LEU B 99 28.63 -17.73 -2.16
C LEU B 99 29.57 -16.70 -2.79
N ARG B 100 30.80 -16.59 -2.30
CA ARG B 100 31.80 -15.63 -2.80
C ARG B 100 33.19 -16.24 -2.93
N ARG B 101 34.01 -15.68 -3.83
CA ARG B 101 35.40 -16.07 -4.04
C ARG B 101 36.28 -15.19 -3.17
N ASN B 108 40.02 -21.21 -5.95
CA ASN B 108 39.98 -22.45 -5.17
C ASN B 108 39.21 -22.34 -3.86
N SER B 109 39.31 -21.19 -3.17
CA SER B 109 38.67 -20.93 -1.88
C SER B 109 37.39 -20.10 -1.97
N PHE B 110 36.39 -20.43 -1.14
CA PHE B 110 35.11 -19.74 -1.09
C PHE B 110 34.67 -19.40 0.34
N ARG B 111 33.75 -18.44 0.47
CA ARG B 111 33.19 -18.02 1.76
C ARG B 111 31.68 -17.83 1.65
N LEU B 112 30.93 -18.32 2.65
CA LEU B 112 29.48 -18.16 2.69
C LEU B 112 29.14 -16.85 3.39
N GLU B 113 28.67 -15.85 2.62
CA GLU B 113 28.33 -14.52 3.13
C GLU B 113 26.84 -14.29 3.19
N LYS B 114 26.40 -13.62 4.27
CA LYS B 114 25.02 -13.23 4.51
C LYS B 114 24.82 -11.86 3.86
N ILE B 115 23.92 -11.79 2.87
CA ILE B 115 23.60 -10.56 2.13
C ILE B 115 22.12 -10.21 2.30
N LEU B 116 21.77 -8.94 2.13
CA LEU B 116 20.41 -8.44 2.26
C LEU B 116 19.88 -8.06 0.87
N VAL B 117 18.70 -8.57 0.50
CA VAL B 117 18.09 -8.31 -0.81
C VAL B 117 16.65 -7.85 -0.69
N SER B 118 16.24 -6.91 -1.55
CA SER B 118 14.88 -6.40 -1.58
C SER B 118 14.09 -7.29 -2.53
N VAL B 119 13.09 -7.95 -1.97
CA VAL B 119 12.19 -8.89 -2.65
C VAL B 119 11.03 -8.12 -3.32
N GLY B 120 10.50 -7.12 -2.64
CA GLY B 120 9.40 -6.30 -3.14
C GLY B 120 9.16 -5.12 -2.23
N CYS B 121 8.09 -4.36 -2.48
CA CYS B 121 7.76 -3.20 -1.65
C CYS B 121 6.40 -3.34 -1.00
N THR B 122 6.24 -2.70 0.16
CA THR B 122 4.98 -2.63 0.89
C THR B 122 4.67 -1.17 1.18
N CYS B 123 3.45 -0.88 1.59
CA CYS B 123 3.02 0.48 1.91
C CYS B 123 2.88 0.65 3.40
N VAL B 124 3.63 1.61 3.99
CA VAL B 124 3.56 1.90 5.42
C VAL B 124 2.94 3.29 5.66
N THR B 125 2.22 3.44 6.77
CA THR B 125 1.60 4.72 7.16
C THR B 125 2.08 5.07 8.58
N PRO B 126 2.04 6.38 8.97
CA PRO B 126 2.47 6.75 10.32
C PRO B 126 1.41 6.50 11.40
N ILE B 127 0.18 6.12 11.01
CA ILE B 127 -0.90 5.85 11.95
C ILE B 127 -1.16 4.35 12.01
N VAL B 128 -0.83 3.72 13.15
CA VAL B 128 -1.06 2.29 13.32
C VAL B 128 -2.36 2.09 14.06
N HIS B 129 -3.30 1.39 13.41
CA HIS B 129 -4.65 1.13 13.89
C HIS B 129 -4.76 -0.26 14.49
N GLU C 18 -1.82 -13.05 -24.48
CA GLU C 18 -3.27 -13.18 -24.36
C GLU C 18 -3.64 -14.23 -23.31
N VAL C 19 -4.56 -13.85 -22.41
CA VAL C 19 -5.07 -14.71 -21.33
C VAL C 19 -5.85 -15.88 -21.92
N GLN C 20 -5.48 -17.11 -21.53
CA GLN C 20 -6.12 -18.34 -21.97
C GLN C 20 -6.39 -19.23 -20.76
N LEU C 21 -7.63 -19.73 -20.67
CA LEU C 21 -8.09 -20.62 -19.62
C LEU C 21 -8.78 -21.80 -20.30
N LEU C 22 -8.17 -22.99 -20.25
CA LEU C 22 -8.73 -24.16 -20.92
C LEU C 22 -9.18 -25.27 -19.96
N GLU C 23 -10.50 -25.44 -19.79
CA GLU C 23 -11.12 -26.45 -18.90
C GLU C 23 -11.17 -27.84 -19.54
N SER C 24 -10.99 -28.87 -18.73
CA SER C 24 -10.99 -30.28 -19.10
C SER C 24 -11.62 -31.05 -17.97
N GLY C 25 -12.03 -32.28 -18.25
CA GLY C 25 -12.52 -33.19 -17.22
C GLY C 25 -14.01 -33.41 -17.15
N GLY C 26 -14.79 -32.64 -17.91
CA GLY C 26 -16.24 -32.73 -17.90
C GLY C 26 -16.74 -33.98 -18.57
N GLY C 27 -17.95 -34.36 -18.27
CA GLY C 27 -18.57 -35.55 -18.85
C GLY C 27 -19.67 -36.07 -17.95
N LEU C 28 -20.07 -37.31 -18.17
CA LEU C 28 -21.15 -37.95 -17.43
C LEU C 28 -20.63 -38.59 -16.15
N VAL C 29 -21.38 -38.42 -15.05
CA VAL C 29 -21.10 -38.98 -13.73
C VAL C 29 -22.43 -39.48 -13.17
N GLN C 30 -22.37 -40.62 -12.53
CA GLN C 30 -23.52 -41.23 -11.87
C GLN C 30 -23.73 -40.48 -10.54
N PRO C 31 -24.98 -40.28 -10.07
CA PRO C 31 -25.19 -39.65 -8.75
C PRO C 31 -24.40 -40.41 -7.65
N GLY C 32 -23.78 -39.64 -6.74
CA GLY C 32 -22.94 -40.14 -5.66
C GLY C 32 -21.49 -40.28 -6.10
N GLY C 33 -21.25 -40.10 -7.40
CA GLY C 33 -19.94 -40.22 -8.03
C GLY C 33 -19.04 -39.03 -7.79
N SER C 34 -17.81 -39.13 -8.34
CA SER C 34 -16.73 -38.16 -8.24
C SER C 34 -16.23 -37.78 -9.61
N LEU C 35 -15.66 -36.56 -9.70
CA LEU C 35 -15.06 -36.09 -10.95
C LEU C 35 -14.06 -34.98 -10.61
N ARG C 36 -12.94 -34.89 -11.34
CA ARG C 36 -11.97 -33.83 -11.13
C ARG C 36 -11.86 -33.00 -12.42
N LEU C 37 -12.02 -31.68 -12.28
CA LEU C 37 -11.90 -30.76 -13.40
C LEU C 37 -10.54 -30.10 -13.31
N SER C 38 -9.98 -29.76 -14.45
CA SER C 38 -8.70 -29.08 -14.58
C SER C 38 -8.94 -27.82 -15.40
N CYS C 39 -8.09 -26.83 -15.19
CA CYS C 39 -8.10 -25.62 -15.97
C CYS C 39 -6.64 -25.26 -16.19
N ALA C 40 -6.18 -25.37 -17.45
CA ALA C 40 -4.80 -25.01 -17.80
C ALA C 40 -4.80 -23.55 -18.17
N ALA C 41 -3.97 -22.75 -17.52
CA ALA C 41 -3.87 -21.31 -17.76
C ALA C 41 -2.57 -20.96 -18.44
N SER C 42 -2.60 -19.92 -19.29
CA SER C 42 -1.40 -19.35 -19.93
C SER C 42 -1.68 -17.87 -20.25
N GLY C 43 -0.65 -17.13 -20.61
CA GLY C 43 -0.74 -15.72 -20.97
C GLY C 43 -0.73 -14.73 -19.81
N PHE C 44 -0.41 -15.22 -18.61
CA PHE C 44 -0.33 -14.40 -17.39
C PHE C 44 0.46 -15.15 -16.32
N THR C 45 0.96 -14.41 -15.31
CA THR C 45 1.72 -14.99 -14.20
C THR C 45 0.68 -15.61 -13.24
N PHE C 46 0.37 -16.88 -13.46
CA PHE C 46 -0.67 -17.66 -12.78
C PHE C 46 -0.65 -17.56 -11.25
N SER C 47 0.51 -17.74 -10.63
CA SER C 47 0.64 -17.73 -9.17
C SER C 47 0.30 -16.35 -8.50
N SER C 48 0.28 -15.27 -9.27
CA SER C 48 -0.09 -13.99 -8.65
C SER C 48 -1.58 -13.66 -8.87
N TYR C 49 -2.43 -14.66 -9.27
CA TYR C 49 -3.86 -14.44 -9.45
C TYR C 49 -4.77 -15.40 -8.69
N ALA C 50 -5.76 -14.83 -7.99
CA ALA C 50 -6.83 -15.57 -7.32
C ALA C 50 -7.64 -16.16 -8.49
N MET C 51 -8.07 -17.42 -8.34
CA MET C 51 -8.80 -18.13 -9.40
C MET C 51 -10.15 -18.58 -8.86
N SER C 52 -11.13 -18.76 -9.75
CA SER C 52 -12.48 -19.13 -9.37
C SER C 52 -13.08 -20.17 -10.29
N TRP C 53 -14.10 -20.88 -9.78
CA TRP C 53 -14.97 -21.79 -10.55
C TRP C 53 -16.39 -21.24 -10.43
N VAL C 54 -17.05 -21.10 -11.57
CA VAL C 54 -18.43 -20.60 -11.69
C VAL C 54 -19.20 -21.61 -12.58
N ARG C 55 -20.45 -21.98 -12.20
CA ARG C 55 -21.21 -22.93 -12.99
C ARG C 55 -22.51 -22.34 -13.54
N GLN C 56 -23.04 -22.95 -14.60
CA GLN C 56 -24.30 -22.53 -15.21
C GLN C 56 -25.08 -23.78 -15.65
N ALA C 57 -26.21 -24.05 -15.01
CA ALA C 57 -27.11 -25.15 -15.41
C ALA C 57 -27.79 -24.72 -16.73
N PRO C 58 -28.16 -25.63 -17.67
CA PRO C 58 -28.73 -25.18 -18.96
C PRO C 58 -29.96 -24.30 -18.83
N GLY C 59 -29.94 -23.14 -19.51
CA GLY C 59 -31.01 -22.14 -19.46
C GLY C 59 -31.20 -21.45 -18.12
N LYS C 60 -30.17 -21.47 -17.25
CA LYS C 60 -30.24 -20.83 -15.93
C LYS C 60 -29.10 -19.80 -15.77
N GLY C 61 -29.01 -19.20 -14.60
CA GLY C 61 -28.03 -18.15 -14.34
C GLY C 61 -26.67 -18.66 -13.92
N LEU C 62 -25.71 -17.74 -13.79
CA LEU C 62 -24.35 -18.02 -13.34
C LEU C 62 -24.37 -18.20 -11.82
N GLU C 63 -23.70 -19.24 -11.33
CA GLU C 63 -23.63 -19.55 -9.90
C GLU C 63 -22.19 -19.78 -9.49
N TRP C 64 -21.68 -18.92 -8.59
CA TRP C 64 -20.33 -19.03 -8.06
C TRP C 64 -20.18 -20.34 -7.29
N VAL C 65 -19.08 -21.04 -7.49
CA VAL C 65 -18.81 -22.34 -6.85
C VAL C 65 -17.71 -22.24 -5.80
N SER C 66 -16.55 -21.76 -6.20
CA SER C 66 -15.36 -21.79 -5.34
C SER C 66 -14.32 -20.78 -5.80
N ALA C 67 -13.41 -20.38 -4.89
CA ALA C 67 -12.30 -19.46 -5.17
C ALA C 67 -11.09 -19.89 -4.37
N ILE C 68 -9.91 -19.50 -4.84
CA ILE C 68 -8.63 -19.83 -4.22
C ILE C 68 -7.68 -18.66 -4.45
N SER C 69 -6.92 -18.27 -3.42
CA SER C 69 -5.96 -17.17 -3.53
C SER C 69 -4.79 -17.61 -4.45
N GLY C 70 -4.00 -16.65 -4.93
CA GLY C 70 -2.84 -16.90 -5.80
C GLY C 70 -1.88 -17.95 -5.27
N SER C 71 -1.58 -17.90 -3.96
CA SER C 71 -0.67 -18.86 -3.31
C SER C 71 -1.33 -20.22 -3.03
N GLY C 72 -2.66 -20.25 -2.95
CA GLY C 72 -3.42 -21.45 -2.62
C GLY C 72 -3.65 -21.58 -1.12
N GLY C 73 -3.20 -20.60 -0.37
CA GLY C 73 -3.32 -20.56 1.09
C GLY C 73 -4.71 -20.33 1.65
N SER C 74 -5.62 -19.77 0.84
CA SER C 74 -7.01 -19.47 1.22
C SER C 74 -7.95 -20.03 0.17
N THR C 75 -9.00 -20.76 0.61
CA THR C 75 -10.04 -21.34 -0.26
C THR C 75 -11.42 -20.90 0.22
N TYR C 76 -12.37 -20.73 -0.71
CA TYR C 76 -13.73 -20.23 -0.43
C TYR C 76 -14.74 -21.10 -1.20
N TYR C 77 -15.91 -21.38 -0.60
CA TYR C 77 -16.90 -22.26 -1.18
C TYR C 77 -18.32 -21.77 -1.05
N ALA C 78 -19.15 -22.01 -2.10
CA ALA C 78 -20.59 -21.71 -2.03
C ALA C 78 -21.17 -22.75 -1.08
N ASP C 79 -22.23 -22.37 -0.35
CA ASP C 79 -22.95 -23.25 0.60
C ASP C 79 -23.43 -24.57 -0.03
N SER C 80 -23.91 -24.49 -1.28
CA SER C 80 -24.43 -25.63 -2.05
C SER C 80 -23.37 -26.69 -2.37
N VAL C 81 -22.07 -26.40 -2.16
CA VAL C 81 -20.98 -27.32 -2.54
C VAL C 81 -20.03 -27.63 -1.39
N LYS C 82 -20.24 -27.00 -0.21
CA LYS C 82 -19.39 -27.20 0.97
C LYS C 82 -19.33 -28.65 1.40
N GLY C 83 -18.11 -29.08 1.70
CA GLY C 83 -17.83 -30.42 2.15
C GLY C 83 -17.58 -31.39 1.03
N ARG C 84 -18.33 -31.23 -0.10
CA ARG C 84 -18.30 -32.11 -1.28
C ARG C 84 -17.24 -31.76 -2.32
N PHE C 85 -16.93 -30.45 -2.48
CA PHE C 85 -15.94 -30.02 -3.48
C PHE C 85 -14.67 -29.49 -2.84
N THR C 86 -13.56 -29.58 -3.59
CA THR C 86 -12.26 -29.12 -3.16
C THR C 86 -11.61 -28.37 -4.30
N ILE C 87 -11.29 -27.10 -4.06
CA ILE C 87 -10.54 -26.32 -5.04
C ILE C 87 -9.07 -26.41 -4.65
N SER C 88 -8.19 -26.55 -5.63
CA SER C 88 -6.74 -26.60 -5.42
C SER C 88 -6.07 -26.09 -6.70
N ARG C 89 -4.78 -25.82 -6.63
CA ARG C 89 -4.02 -25.31 -7.77
C ARG C 89 -2.59 -25.82 -7.72
N ASP C 90 -1.97 -25.99 -8.91
CA ASP C 90 -0.57 -26.38 -9.02
C ASP C 90 0.11 -25.25 -9.78
N ASN C 91 0.78 -24.34 -9.02
CA ASN C 91 1.45 -23.15 -9.56
C ASN C 91 2.67 -23.48 -10.42
N SER C 92 3.29 -24.66 -10.25
CA SER C 92 4.40 -25.05 -11.12
C SER C 92 3.87 -25.54 -12.49
N LYS C 93 2.63 -26.04 -12.53
CA LYS C 93 1.99 -26.57 -13.74
C LYS C 93 0.99 -25.56 -14.34
N ASN C 94 0.75 -24.42 -13.65
CA ASN C 94 -0.23 -23.39 -14.07
C ASN C 94 -1.63 -24.01 -14.25
N THR C 95 -2.03 -24.88 -13.32
CA THR C 95 -3.31 -25.61 -13.41
C THR C 95 -4.16 -25.39 -12.18
N LEU C 96 -5.45 -25.17 -12.40
CA LEU C 96 -6.45 -24.99 -11.32
C LEU C 96 -7.28 -26.29 -11.36
N TYR C 97 -7.64 -26.83 -10.20
CA TYR C 97 -8.43 -28.05 -10.11
C TYR C 97 -9.70 -27.85 -9.33
N LEU C 98 -10.70 -28.69 -9.58
CA LEU C 98 -11.92 -28.73 -8.80
C LEU C 98 -12.26 -30.19 -8.70
N GLN C 99 -12.05 -30.76 -7.51
CA GLN C 99 -12.37 -32.15 -7.16
C GLN C 99 -13.81 -32.16 -6.62
N MET C 100 -14.66 -32.93 -7.25
CA MET C 100 -16.07 -33.00 -6.88
C MET C 100 -16.38 -34.39 -6.38
N ASN C 101 -16.87 -34.48 -5.17
CA ASN C 101 -17.29 -35.75 -4.59
C ASN C 101 -18.79 -35.66 -4.33
N SER C 102 -19.46 -36.84 -4.14
CA SER C 102 -20.90 -36.90 -3.78
C SER C 102 -21.77 -36.05 -4.72
N LEU C 103 -21.59 -36.25 -6.05
CA LEU C 103 -22.30 -35.45 -7.05
C LEU C 103 -23.77 -35.79 -7.11
N ARG C 104 -24.58 -34.77 -7.41
CA ARG C 104 -26.03 -34.92 -7.57
C ARG C 104 -26.50 -34.25 -8.83
N ALA C 105 -27.70 -34.63 -9.31
CA ALA C 105 -28.30 -34.09 -10.53
C ALA C 105 -28.24 -32.54 -10.63
N GLU C 106 -28.42 -31.84 -9.49
CA GLU C 106 -28.40 -30.37 -9.34
C GLU C 106 -27.03 -29.77 -9.62
N ASP C 107 -25.98 -30.60 -9.70
CA ASP C 107 -24.63 -30.16 -10.01
C ASP C 107 -24.39 -30.13 -11.49
N THR C 108 -25.35 -30.65 -12.29
CA THR C 108 -25.30 -30.65 -13.77
C THR C 108 -25.23 -29.19 -14.26
N ALA C 109 -24.14 -28.87 -14.99
CA ALA C 109 -23.90 -27.50 -15.43
C ALA C 109 -22.65 -27.46 -16.29
N VAL C 110 -22.46 -26.33 -16.95
CA VAL C 110 -21.21 -25.97 -17.62
C VAL C 110 -20.39 -25.30 -16.49
N TYR C 111 -19.18 -25.82 -16.24
CA TYR C 111 -18.27 -25.28 -15.23
C TYR C 111 -17.19 -24.44 -15.91
N TYR C 112 -17.11 -23.17 -15.52
CA TYR C 112 -16.14 -22.21 -16.00
C TYR C 112 -15.09 -21.94 -14.95
N CYS C 113 -13.90 -21.86 -15.45
CA CYS C 113 -12.67 -21.47 -14.80
C CYS C 113 -12.60 -19.91 -15.02
N ALA C 114 -12.24 -19.16 -13.98
CA ALA C 114 -12.18 -17.69 -14.07
C ALA C 114 -10.97 -17.12 -13.36
N ARG C 115 -10.36 -16.10 -13.96
CA ARG C 115 -9.23 -15.39 -13.36
C ARG C 115 -9.75 -14.14 -12.65
N ASP C 116 -9.35 -13.94 -11.38
CA ASP C 116 -9.75 -12.79 -10.55
C ASP C 116 -8.61 -11.81 -10.30
N LEU C 117 -8.87 -10.50 -10.46
CA LEU C 117 -7.85 -9.46 -10.21
C LEU C 117 -7.58 -9.30 -8.71
N ILE C 118 -8.65 -9.49 -7.92
CA ILE C 118 -8.68 -9.55 -6.45
C ILE C 118 -9.84 -10.50 -6.17
N HIS C 119 -10.00 -10.93 -4.90
CA HIS C 119 -11.10 -11.80 -4.51
C HIS C 119 -12.41 -11.14 -4.93
N GLY C 120 -13.21 -11.87 -5.70
CA GLY C 120 -14.52 -11.45 -6.18
C GLY C 120 -14.58 -10.57 -7.41
N VAL C 121 -13.44 -10.25 -8.04
CA VAL C 121 -13.41 -9.38 -9.23
C VAL C 121 -12.91 -10.23 -10.43
N THR C 122 -13.82 -10.94 -11.10
CA THR C 122 -13.36 -11.79 -12.20
C THR C 122 -13.22 -11.01 -13.48
N ARG C 123 -12.06 -11.19 -14.11
CA ARG C 123 -11.65 -10.46 -15.30
C ARG C 123 -11.71 -11.29 -16.59
N ASN C 124 -11.50 -12.61 -16.49
CA ASN C 124 -11.47 -13.53 -17.64
C ASN C 124 -12.16 -14.82 -17.32
N TRP C 125 -12.80 -15.40 -18.33
CA TRP C 125 -13.54 -16.64 -18.24
C TRP C 125 -12.98 -17.66 -19.22
N GLY C 126 -13.03 -18.94 -18.87
CA GLY C 126 -12.65 -20.01 -19.79
C GLY C 126 -13.84 -20.33 -20.69
N GLN C 127 -13.75 -21.39 -21.49
CA GLN C 127 -14.84 -21.79 -22.41
C GLN C 127 -15.88 -22.68 -21.75
N GLY C 128 -15.53 -23.27 -20.63
CA GLY C 128 -16.41 -24.17 -19.88
C GLY C 128 -16.24 -25.63 -20.26
N THR C 129 -16.65 -26.50 -19.35
CA THR C 129 -16.67 -27.96 -19.53
C THR C 129 -18.00 -28.41 -18.94
N LEU C 130 -18.77 -29.18 -19.72
CA LEU C 130 -20.08 -29.69 -19.31
C LEU C 130 -19.98 -30.92 -18.37
N VAL C 131 -20.61 -30.82 -17.21
CA VAL C 131 -20.68 -31.92 -16.25
C VAL C 131 -22.14 -32.36 -16.18
N THR C 132 -22.43 -33.65 -16.47
CA THR C 132 -23.80 -34.20 -16.41
C THR C 132 -23.84 -35.24 -15.32
N VAL C 133 -24.69 -35.01 -14.34
CA VAL C 133 -24.89 -35.93 -13.26
C VAL C 133 -26.26 -36.62 -13.52
N SER C 134 -26.18 -37.87 -13.99
CA SER C 134 -27.33 -38.65 -14.36
C SER C 134 -27.10 -40.12 -14.12
N SER C 135 -28.18 -40.85 -13.84
CA SER C 135 -28.10 -42.30 -13.69
C SER C 135 -28.28 -42.99 -15.06
N ALA C 136 -28.63 -42.22 -16.12
CA ALA C 136 -28.78 -42.73 -17.50
C ALA C 136 -27.38 -43.07 -18.07
N SER C 137 -27.31 -44.06 -18.96
CA SER C 137 -26.05 -44.53 -19.53
C SER C 137 -25.59 -43.75 -20.77
N THR C 138 -24.28 -43.70 -20.99
CA THR C 138 -23.67 -43.08 -22.16
C THR C 138 -24.17 -43.80 -23.43
N LYS C 139 -24.50 -43.02 -24.45
CA LYS C 139 -24.88 -43.54 -25.75
C LYS C 139 -24.20 -42.70 -26.83
N GLY C 140 -23.37 -43.34 -27.64
CA GLY C 140 -22.70 -42.71 -28.77
C GLY C 140 -23.69 -42.46 -29.89
N PRO C 141 -23.48 -41.44 -30.74
CA PRO C 141 -24.46 -41.16 -31.78
C PRO C 141 -24.42 -42.10 -32.97
N SER C 142 -25.57 -42.18 -33.66
CA SER C 142 -25.71 -42.85 -34.95
C SER C 142 -25.78 -41.68 -35.90
N VAL C 143 -24.81 -41.59 -36.80
CA VAL C 143 -24.68 -40.49 -37.72
C VAL C 143 -25.21 -40.89 -39.09
N PHE C 144 -26.20 -40.13 -39.62
CA PHE C 144 -26.81 -40.41 -40.91
C PHE C 144 -26.63 -39.28 -41.89
N PRO C 145 -26.31 -39.58 -43.15
CA PRO C 145 -26.21 -38.49 -44.13
C PRO C 145 -27.57 -37.93 -44.52
N LEU C 146 -27.64 -36.60 -44.75
CA LEU C 146 -28.83 -35.89 -45.22
C LEU C 146 -28.41 -35.42 -46.59
N ALA C 147 -28.62 -36.29 -47.58
CA ALA C 147 -28.19 -36.16 -48.96
C ALA C 147 -28.82 -34.99 -49.65
N PRO C 148 -28.04 -34.24 -50.44
CA PRO C 148 -28.67 -33.17 -51.23
C PRO C 148 -29.49 -33.86 -52.36
N SER C 149 -30.58 -33.26 -52.74
CA SER C 149 -31.42 -33.78 -53.82
C SER C 149 -31.98 -32.56 -54.54
N SER C 150 -32.80 -32.74 -55.58
CA SER C 150 -33.42 -31.57 -56.26
C SER C 150 -34.37 -30.80 -55.30
N LYS C 151 -34.93 -31.50 -54.31
CA LYS C 151 -35.86 -30.96 -53.31
C LYS C 151 -35.11 -30.27 -52.15
N SER C 152 -33.77 -30.20 -52.20
CA SER C 152 -32.98 -29.49 -51.21
C SER C 152 -32.16 -28.36 -51.86
N THR C 153 -32.25 -28.22 -53.23
CA THR C 153 -31.50 -27.17 -53.94
C THR C 153 -32.28 -25.86 -54.05
N SER C 154 -31.52 -24.75 -54.09
CA SER C 154 -31.96 -23.37 -54.26
C SER C 154 -31.09 -22.74 -55.33
N GLY C 155 -31.24 -23.23 -56.56
CA GLY C 155 -30.54 -22.69 -57.72
C GLY C 155 -29.05 -22.93 -57.69
N GLY C 156 -28.28 -21.85 -57.52
CA GLY C 156 -26.82 -21.92 -57.43
C GLY C 156 -26.28 -22.57 -56.16
N THR C 157 -27.14 -22.76 -55.15
CA THR C 157 -26.84 -23.33 -53.85
C THR C 157 -27.67 -24.62 -53.59
N ALA C 158 -27.13 -25.52 -52.76
CA ALA C 158 -27.75 -26.77 -52.36
C ALA C 158 -27.45 -27.00 -50.89
N ALA C 159 -28.44 -27.46 -50.11
CA ALA C 159 -28.25 -27.82 -48.68
C ALA C 159 -28.00 -29.32 -48.54
N LEU C 160 -26.99 -29.72 -47.75
CA LEU C 160 -26.71 -31.13 -47.44
C LEU C 160 -26.38 -31.16 -45.97
N GLY C 161 -26.53 -32.31 -45.33
CA GLY C 161 -26.26 -32.37 -43.90
C GLY C 161 -25.96 -33.72 -43.31
N CYS C 162 -25.96 -33.72 -41.99
CA CYS C 162 -25.74 -34.88 -41.14
C CYS C 162 -26.69 -34.86 -40.02
N LEU C 163 -27.36 -36.00 -39.78
CA LEU C 163 -28.24 -36.21 -38.65
C LEU C 163 -27.43 -36.97 -37.58
N VAL C 164 -27.35 -36.42 -36.37
CA VAL C 164 -26.60 -36.97 -35.24
C VAL C 164 -27.69 -37.38 -34.27
N LYS C 165 -28.06 -38.65 -34.37
CA LYS C 165 -29.21 -39.23 -33.68
C LYS C 165 -28.90 -39.95 -32.38
N ASP C 166 -29.75 -39.72 -31.36
CA ASP C 166 -29.76 -40.45 -30.09
C ASP C 166 -28.42 -40.66 -29.37
N TYR C 167 -27.88 -39.58 -28.82
CA TYR C 167 -26.64 -39.64 -28.06
C TYR C 167 -26.88 -39.12 -26.66
N PHE C 168 -25.99 -39.47 -25.75
CA PHE C 168 -26.09 -39.04 -24.38
C PHE C 168 -24.74 -39.26 -23.73
N PRO C 169 -24.25 -38.29 -22.92
CA PRO C 169 -24.85 -36.94 -22.69
C PRO C 169 -24.41 -35.98 -23.79
N GLN C 170 -24.72 -34.70 -23.59
CA GLN C 170 -24.22 -33.62 -24.40
C GLN C 170 -22.74 -33.44 -23.97
N PRO C 171 -21.87 -32.77 -24.76
CA PRO C 171 -22.12 -32.19 -26.07
C PRO C 171 -21.57 -33.05 -27.20
N VAL C 172 -21.97 -32.72 -28.42
CA VAL C 172 -21.31 -33.21 -29.61
C VAL C 172 -20.83 -31.98 -30.36
N THR C 173 -19.75 -32.12 -31.08
CA THR C 173 -19.18 -31.06 -31.89
C THR C 173 -19.22 -31.53 -33.37
N VAL C 174 -19.53 -30.63 -34.29
CA VAL C 174 -19.62 -30.96 -35.72
C VAL C 174 -18.76 -29.99 -36.51
N SER C 175 -17.89 -30.52 -37.36
CA SER C 175 -17.13 -29.75 -38.34
C SER C 175 -17.40 -30.37 -39.73
N TRP C 176 -16.97 -29.70 -40.79
CA TRP C 176 -17.14 -30.15 -42.14
C TRP C 176 -15.78 -30.15 -42.85
N ASN C 177 -15.45 -31.24 -43.52
CA ASN C 177 -14.18 -31.41 -44.24
C ASN C 177 -12.96 -31.10 -43.36
N SER C 178 -12.99 -31.61 -42.10
CA SER C 178 -11.96 -31.45 -41.07
C SER C 178 -11.65 -29.99 -40.74
N GLY C 179 -12.67 -29.12 -40.86
CA GLY C 179 -12.56 -27.69 -40.58
C GLY C 179 -12.25 -26.80 -41.77
N ALA C 180 -11.95 -27.37 -42.95
CA ALA C 180 -11.66 -26.61 -44.16
C ALA C 180 -12.92 -25.96 -44.75
N LEU C 181 -14.13 -26.45 -44.37
CA LEU C 181 -15.43 -25.94 -44.81
C LEU C 181 -16.12 -25.28 -43.60
N THR C 182 -16.23 -23.96 -43.58
CA THR C 182 -16.84 -23.22 -42.46
C THR C 182 -17.96 -22.29 -42.94
N SER C 183 -17.83 -21.78 -44.17
CA SER C 183 -18.82 -20.90 -44.78
C SER C 183 -20.08 -21.71 -45.14
N GLY C 184 -21.24 -21.19 -44.75
CA GLY C 184 -22.53 -21.83 -45.04
C GLY C 184 -22.88 -22.98 -44.10
N VAL C 185 -22.09 -23.16 -42.99
CA VAL C 185 -22.33 -24.21 -42.01
C VAL C 185 -23.34 -23.73 -40.96
N HIS C 186 -24.37 -24.54 -40.68
CA HIS C 186 -25.37 -24.29 -39.65
C HIS C 186 -25.64 -25.56 -38.86
N THR C 187 -25.03 -25.63 -37.65
CA THR C 187 -25.21 -26.72 -36.72
C THR C 187 -26.29 -26.27 -35.80
N PHE C 188 -27.37 -27.01 -35.76
CA PHE C 188 -28.53 -26.64 -34.96
C PHE C 188 -28.42 -27.14 -33.53
N PRO C 189 -28.98 -26.37 -32.57
CA PRO C 189 -29.04 -26.88 -31.18
C PRO C 189 -29.79 -28.21 -31.12
N ALA C 190 -29.34 -29.09 -30.24
CA ALA C 190 -29.91 -30.41 -30.03
C ALA C 190 -31.35 -30.40 -29.51
N VAL C 191 -32.13 -31.43 -29.88
CA VAL C 191 -33.44 -31.64 -29.29
C VAL C 191 -33.23 -32.62 -28.11
N LEU C 192 -33.88 -32.39 -26.96
CA LEU C 192 -33.85 -33.33 -25.85
C LEU C 192 -35.14 -34.11 -25.97
N GLN C 193 -35.03 -35.40 -26.30
CA GLN C 193 -36.19 -36.24 -26.48
C GLN C 193 -36.75 -36.76 -25.16
N SER C 194 -38.00 -37.24 -25.16
CA SER C 194 -38.66 -37.74 -23.95
C SER C 194 -37.93 -38.99 -23.39
N SER C 195 -37.13 -39.65 -24.25
CA SER C 195 -36.28 -40.79 -23.93
C SER C 195 -35.04 -40.37 -23.09
N GLY C 196 -34.76 -39.07 -23.04
CA GLY C 196 -33.60 -38.53 -22.34
C GLY C 196 -32.38 -38.46 -23.25
N LEU C 197 -32.53 -38.93 -24.49
CA LEU C 197 -31.45 -38.86 -25.48
C LEU C 197 -31.57 -37.56 -26.29
N TYR C 198 -30.45 -37.13 -26.84
CA TYR C 198 -30.34 -35.96 -27.67
C TYR C 198 -30.19 -36.33 -29.14
N SER C 199 -30.62 -35.42 -30.01
CA SER C 199 -30.39 -35.52 -31.46
C SER C 199 -30.11 -34.13 -32.00
N LEU C 200 -29.20 -34.03 -32.95
CA LEU C 200 -28.98 -32.74 -33.60
C LEU C 200 -28.72 -32.90 -35.08
N SER C 201 -28.81 -31.82 -35.84
CA SER C 201 -28.49 -31.87 -37.27
C SER C 201 -27.55 -30.72 -37.59
N SER C 202 -26.71 -30.91 -38.58
CA SER C 202 -25.80 -29.89 -39.07
C SER C 202 -25.99 -29.84 -40.57
N VAL C 203 -26.24 -28.66 -41.11
CA VAL C 203 -26.40 -28.46 -42.55
C VAL C 203 -25.37 -27.50 -43.12
N VAL C 204 -24.95 -27.76 -44.33
CA VAL C 204 -24.06 -26.87 -45.03
C VAL C 204 -24.67 -26.56 -46.38
N THR C 205 -24.63 -25.27 -46.76
CA THR C 205 -25.09 -24.82 -48.05
C THR C 205 -23.86 -24.69 -48.95
N VAL C 206 -23.88 -25.35 -50.08
CA VAL C 206 -22.73 -25.39 -51.00
C VAL C 206 -23.16 -25.04 -52.40
N PRO C 207 -22.23 -24.66 -53.32
CA PRO C 207 -22.64 -24.47 -54.71
C PRO C 207 -23.16 -25.80 -55.31
N SER C 208 -24.28 -25.71 -56.04
CA SER C 208 -24.94 -26.85 -56.65
C SER C 208 -24.01 -27.51 -57.69
N SER C 209 -23.09 -26.75 -58.28
CA SER C 209 -22.15 -27.26 -59.30
C SER C 209 -20.99 -28.07 -58.72
N SER C 210 -20.82 -28.08 -57.38
CA SER C 210 -19.73 -28.79 -56.70
C SER C 210 -20.18 -30.21 -56.26
N LEU C 211 -21.50 -30.51 -56.37
CA LEU C 211 -22.14 -31.74 -55.89
C LEU C 211 -21.48 -33.13 -56.33
N GLY C 212 -21.06 -33.27 -57.57
CA GLY C 212 -20.39 -34.51 -58.00
C GLY C 212 -18.90 -34.34 -58.26
N THR C 213 -18.30 -33.31 -57.64
CA THR C 213 -16.91 -32.88 -57.79
C THR C 213 -16.25 -32.86 -56.40
N GLN C 214 -16.96 -32.30 -55.39
CA GLN C 214 -16.42 -32.14 -54.04
C GLN C 214 -16.97 -33.14 -53.08
N THR C 215 -16.07 -33.74 -52.32
CA THR C 215 -16.44 -34.65 -51.26
C THR C 215 -16.78 -33.79 -50.05
N TYR C 216 -17.89 -34.12 -49.40
CA TYR C 216 -18.36 -33.45 -48.21
C TYR C 216 -18.47 -34.48 -47.15
N ILE C 217 -17.77 -34.21 -46.06
CA ILE C 217 -17.74 -35.11 -44.90
C ILE C 217 -18.04 -34.30 -43.67
N CYS C 218 -18.97 -34.78 -42.83
CA CYS C 218 -19.18 -34.13 -41.54
C CYS C 218 -18.38 -34.93 -40.49
N ASN C 219 -17.68 -34.20 -39.61
CA ASN C 219 -16.84 -34.77 -38.54
C ASN C 219 -17.58 -34.54 -37.25
N VAL C 220 -18.12 -35.64 -36.70
CA VAL C 220 -18.92 -35.61 -35.50
C VAL C 220 -18.06 -36.12 -34.33
N ASN C 221 -17.84 -35.27 -33.31
CA ASN C 221 -17.09 -35.71 -32.17
C ASN C 221 -17.99 -35.75 -30.97
N HIS C 222 -18.06 -36.93 -30.32
CA HIS C 222 -18.78 -37.15 -29.07
C HIS C 222 -17.74 -37.65 -28.03
N LYS C 223 -17.03 -36.72 -27.39
CA LYS C 223 -16.00 -37.00 -26.39
C LYS C 223 -16.54 -37.87 -25.22
N PRO C 224 -17.77 -37.62 -24.69
CA PRO C 224 -18.30 -38.51 -23.63
C PRO C 224 -18.32 -40.03 -23.98
N SER C 225 -18.50 -40.45 -25.26
CA SER C 225 -18.44 -41.89 -25.56
C SER C 225 -17.10 -42.27 -26.26
N ASN C 226 -16.11 -41.32 -26.32
CA ASN C 226 -14.85 -41.49 -27.02
C ASN C 226 -15.09 -41.96 -28.48
N THR C 227 -16.05 -41.32 -29.11
CA THR C 227 -16.47 -41.69 -30.46
C THR C 227 -16.29 -40.51 -31.35
N LYS C 228 -15.81 -40.77 -32.53
CA LYS C 228 -15.64 -39.76 -33.55
C LYS C 228 -16.12 -40.39 -34.85
N VAL C 229 -17.08 -39.75 -35.53
CA VAL C 229 -17.60 -40.30 -36.80
C VAL C 229 -17.35 -39.30 -37.91
N ASP C 230 -16.73 -39.75 -39.03
CA ASP C 230 -16.53 -38.92 -40.24
C ASP C 230 -17.44 -39.48 -41.29
N LYS C 231 -18.59 -38.82 -41.53
CA LYS C 231 -19.60 -39.32 -42.45
C LYS C 231 -19.61 -38.62 -43.80
N LYS C 232 -19.39 -39.40 -44.86
CA LYS C 232 -19.39 -38.85 -46.21
C LYS C 232 -20.85 -38.64 -46.66
N VAL C 233 -21.16 -37.44 -47.15
CA VAL C 233 -22.50 -37.08 -47.57
C VAL C 233 -22.46 -36.86 -49.08
N GLU C 234 -23.16 -37.69 -49.81
CA GLU C 234 -23.13 -37.57 -51.27
C GLU C 234 -24.52 -37.52 -51.88
N PRO C 235 -24.69 -36.97 -53.13
CA PRO C 235 -26.04 -36.94 -53.73
C PRO C 235 -26.56 -38.35 -53.94
N LYS C 236 -27.87 -38.53 -53.79
CA LYS C 236 -28.41 -39.88 -53.97
C LYS C 236 -28.83 -40.11 -55.42
N SER C 237 -28.33 -41.21 -56.01
CA SER C 237 -28.57 -41.61 -57.40
C SER C 237 -28.78 -43.12 -57.53
N ASN D 1 -24.56 -14.30 4.20
CA ASN D 1 -24.70 -14.22 2.75
C ASN D 1 -25.63 -13.07 2.30
N PHE D 2 -25.78 -12.87 0.97
CA PHE D 2 -26.61 -11.80 0.40
C PHE D 2 -27.07 -12.20 -1.00
N MET D 3 -28.04 -11.46 -1.53
CA MET D 3 -28.51 -11.66 -2.91
C MET D 3 -28.46 -10.37 -3.68
N LEU D 4 -28.46 -10.51 -5.01
CA LEU D 4 -28.44 -9.41 -5.98
C LEU D 4 -29.67 -9.54 -6.86
N THR D 5 -30.51 -8.51 -6.87
CA THR D 5 -31.75 -8.50 -7.64
C THR D 5 -31.61 -7.64 -8.88
N GLN D 6 -31.91 -8.24 -10.02
CA GLN D 6 -31.86 -7.63 -11.36
C GLN D 6 -33.25 -7.78 -11.99
N PRO D 7 -33.70 -6.87 -12.89
CA PRO D 7 -34.96 -7.13 -13.60
C PRO D 7 -34.77 -8.36 -14.51
N HIS D 8 -35.82 -9.20 -14.65
CA HIS D 8 -35.75 -10.39 -15.49
C HIS D 8 -35.54 -10.02 -16.97
N SER D 9 -36.08 -8.88 -17.39
CA SER D 9 -35.91 -8.42 -18.77
C SER D 9 -36.03 -6.92 -18.86
N VAL D 10 -35.44 -6.35 -19.91
CA VAL D 10 -35.53 -4.93 -20.23
C VAL D 10 -35.60 -4.78 -21.76
N SER D 11 -36.52 -3.95 -22.24
CA SER D 11 -36.78 -3.73 -23.66
C SER D 11 -36.66 -2.28 -24.00
N GLU D 12 -35.93 -1.97 -25.08
CA GLU D 12 -35.76 -0.60 -25.57
C GLU D 12 -35.52 -0.57 -27.06
N SER D 13 -35.70 0.60 -27.71
CA SER D 13 -35.51 0.81 -29.16
C SER D 13 -34.04 1.17 -29.51
N PRO D 14 -33.56 0.96 -30.77
CA PRO D 14 -32.17 1.31 -31.09
C PRO D 14 -31.87 2.80 -31.07
N GLY D 15 -30.73 3.14 -30.50
CA GLY D 15 -30.26 4.51 -30.36
C GLY D 15 -30.62 5.13 -29.03
N LYS D 16 -31.51 4.47 -28.27
CA LYS D 16 -31.96 4.91 -26.94
C LYS D 16 -30.94 4.48 -25.83
N THR D 17 -31.08 5.05 -24.62
CA THR D 17 -30.25 4.72 -23.46
C THR D 17 -31.00 3.74 -22.54
N VAL D 18 -30.38 2.60 -22.20
CA VAL D 18 -31.00 1.59 -21.35
C VAL D 18 -30.19 1.41 -20.06
N THR D 19 -30.89 1.29 -18.94
CA THR D 19 -30.25 1.07 -17.65
C THR D 19 -30.70 -0.26 -17.04
N ILE D 20 -29.73 -1.08 -16.60
CA ILE D 20 -30.00 -2.34 -15.93
C ILE D 20 -29.52 -2.15 -14.48
N SER D 21 -30.43 -2.28 -13.49
CA SER D 21 -30.08 -2.11 -12.08
C SER D 21 -29.79 -3.44 -11.39
N CYS D 22 -29.04 -3.38 -10.29
CA CYS D 22 -28.62 -4.52 -9.51
C CYS D 22 -28.64 -4.11 -8.04
N THR D 23 -29.65 -4.57 -7.28
CA THR D 23 -29.85 -4.22 -5.86
C THR D 23 -29.35 -5.32 -4.91
N ARG D 24 -28.46 -4.92 -4.00
CA ARG D 24 -27.86 -5.79 -2.98
C ARG D 24 -28.80 -5.84 -1.76
N SER D 25 -29.15 -7.05 -1.29
CA SER D 25 -30.07 -7.26 -0.17
C SER D 25 -29.51 -6.86 1.19
N SER D 26 -28.28 -7.27 1.47
CA SER D 26 -27.58 -6.97 2.73
C SER D 26 -26.12 -6.64 2.45
N GLY D 27 -25.53 -5.85 3.32
CA GLY D 27 -24.15 -5.38 3.16
C GLY D 27 -24.14 -4.14 2.30
N SER D 28 -23.20 -3.23 2.58
CA SER D 28 -23.04 -1.97 1.85
C SER D 28 -22.39 -2.23 0.47
N LEU D 29 -23.13 -1.93 -0.61
CA LEU D 29 -22.68 -2.11 -2.00
C LEU D 29 -21.34 -1.40 -2.30
N ALA D 30 -21.19 -0.15 -1.81
CA ALA D 30 -19.98 0.70 -1.98
C ALA D 30 -18.72 0.13 -1.32
N ASN D 31 -18.86 -0.92 -0.49
CA ASN D 31 -17.71 -1.56 0.16
C ASN D 31 -17.04 -2.62 -0.71
N TYR D 32 -17.72 -3.07 -1.78
CA TYR D 32 -17.22 -4.13 -2.65
C TYR D 32 -17.45 -3.80 -4.10
N TYR D 33 -16.45 -4.05 -4.97
CA TYR D 33 -16.52 -3.78 -6.40
C TYR D 33 -17.62 -4.55 -7.13
N VAL D 34 -18.27 -3.89 -8.11
CA VAL D 34 -19.36 -4.48 -8.90
C VAL D 34 -18.87 -4.74 -10.32
N GLN D 35 -19.10 -5.97 -10.82
CA GLN D 35 -18.75 -6.37 -12.17
C GLN D 35 -20.03 -6.62 -12.94
N TRP D 36 -19.96 -6.43 -14.26
CA TRP D 36 -21.06 -6.68 -15.19
C TRP D 36 -20.56 -7.51 -16.34
N TYR D 37 -21.30 -8.59 -16.65
CA TYR D 37 -20.97 -9.52 -17.73
C TYR D 37 -22.05 -9.61 -18.76
N GLN D 38 -21.64 -9.76 -20.01
CA GLN D 38 -22.53 -9.98 -21.15
C GLN D 38 -22.40 -11.47 -21.56
N GLN D 39 -23.54 -12.14 -21.77
CA GLN D 39 -23.53 -13.49 -22.29
C GLN D 39 -24.44 -13.61 -23.50
N ARG D 40 -23.84 -13.93 -24.66
CA ARG D 40 -24.53 -14.15 -25.93
C ARG D 40 -24.94 -15.63 -25.97
N PRO D 41 -25.95 -16.01 -26.80
CA PRO D 41 -26.37 -17.44 -26.86
C PRO D 41 -25.24 -18.43 -27.16
N GLY D 42 -25.14 -19.49 -26.34
CA GLY D 42 -24.13 -20.55 -26.45
C GLY D 42 -22.69 -20.11 -26.31
N SER D 43 -22.46 -18.97 -25.63
CA SER D 43 -21.13 -18.41 -25.43
C SER D 43 -20.77 -18.26 -23.94
N SER D 44 -19.47 -18.18 -23.69
CA SER D 44 -18.88 -17.90 -22.39
C SER D 44 -19.25 -16.45 -22.04
N PRO D 45 -19.44 -16.09 -20.76
CA PRO D 45 -19.67 -14.69 -20.44
C PRO D 45 -18.40 -13.87 -20.73
N THR D 46 -18.57 -12.60 -21.07
CA THR D 46 -17.45 -11.68 -21.29
C THR D 46 -17.64 -10.50 -20.33
N ILE D 47 -16.55 -9.84 -19.95
CA ILE D 47 -16.69 -8.72 -19.03
C ILE D 47 -16.98 -7.41 -19.83
N VAL D 48 -17.95 -6.65 -19.33
CA VAL D 48 -18.36 -5.40 -19.93
C VAL D 48 -17.80 -4.30 -19.03
N ILE D 49 -17.95 -4.49 -17.73
CA ILE D 49 -17.51 -3.57 -16.69
C ILE D 49 -16.95 -4.39 -15.53
N PHE D 50 -15.83 -3.93 -14.97
CA PHE D 50 -15.20 -4.49 -13.77
C PHE D 50 -14.89 -3.31 -12.84
N ALA D 51 -14.77 -3.57 -11.52
CA ALA D 51 -14.46 -2.55 -10.53
C ALA D 51 -15.36 -1.30 -10.60
N ASN D 52 -16.69 -1.53 -10.65
CA ASN D 52 -17.80 -0.54 -10.73
C ASN D 52 -17.95 0.16 -12.08
N ASN D 53 -16.85 0.72 -12.65
CA ASN D 53 -16.94 1.53 -13.86
C ASN D 53 -15.80 1.37 -14.88
N GLN D 54 -14.90 0.40 -14.66
CA GLN D 54 -13.77 0.17 -15.56
C GLN D 54 -14.21 -0.61 -16.77
N ARG D 55 -13.93 -0.03 -17.92
CA ARG D 55 -14.29 -0.59 -19.20
C ARG D 55 -13.04 -1.14 -19.87
N PRO D 56 -12.95 -2.47 -20.07
CA PRO D 56 -11.77 -3.01 -20.76
C PRO D 56 -11.72 -2.62 -22.23
N SER D 57 -10.51 -2.67 -22.85
CA SER D 57 -10.35 -2.38 -24.27
C SER D 57 -11.15 -3.43 -25.06
N GLY D 58 -11.81 -2.98 -26.12
CA GLY D 58 -12.66 -3.85 -26.94
C GLY D 58 -14.12 -3.66 -26.63
N VAL D 59 -14.43 -3.16 -25.42
CA VAL D 59 -15.80 -2.86 -24.99
C VAL D 59 -16.14 -1.44 -25.46
N PRO D 60 -17.22 -1.25 -26.25
CA PRO D 60 -17.55 0.10 -26.74
C PRO D 60 -17.83 1.11 -25.62
N ASP D 61 -17.48 2.39 -25.88
CA ASP D 61 -17.65 3.58 -25.01
C ASP D 61 -19.12 3.74 -24.51
N ARG D 62 -20.07 3.16 -25.26
CA ARG D 62 -21.52 3.14 -25.04
C ARG D 62 -21.91 2.47 -23.71
N PHE D 63 -21.09 1.51 -23.24
CA PHE D 63 -21.30 0.79 -21.99
C PHE D 63 -20.65 1.54 -20.85
N SER D 64 -21.39 1.74 -19.75
CA SER D 64 -20.86 2.42 -18.57
C SER D 64 -21.47 1.89 -17.28
N GLY D 65 -20.66 1.86 -16.23
CA GLY D 65 -21.10 1.39 -14.92
C GLY D 65 -21.13 2.51 -13.90
N SER D 66 -22.02 2.39 -12.92
CA SER D 66 -22.16 3.34 -11.80
C SER D 66 -22.74 2.62 -10.58
N ILE D 67 -22.58 3.21 -9.41
CA ILE D 67 -23.11 2.67 -8.15
C ILE D 67 -23.89 3.77 -7.40
N ASP D 68 -24.90 3.37 -6.62
CA ASP D 68 -25.70 4.28 -5.82
C ASP D 68 -25.84 3.76 -4.40
N SER D 69 -25.09 4.40 -3.47
CA SER D 69 -25.03 4.08 -2.05
C SER D 69 -26.38 4.15 -1.33
N SER D 70 -27.17 5.20 -1.62
CA SER D 70 -28.48 5.43 -1.01
C SER D 70 -29.51 4.34 -1.37
N SER D 71 -29.46 3.85 -2.63
CA SER D 71 -30.35 2.79 -3.10
C SER D 71 -29.74 1.38 -3.01
N ASN D 72 -28.43 1.28 -2.59
CA ASN D 72 -27.66 0.03 -2.44
C ASN D 72 -27.71 -0.82 -3.73
N SER D 73 -27.60 -0.14 -4.87
CA SER D 73 -27.67 -0.75 -6.18
C SER D 73 -26.63 -0.24 -7.15
N ALA D 74 -26.24 -1.09 -8.09
CA ALA D 74 -25.32 -0.75 -9.16
C ALA D 74 -26.10 -0.69 -10.45
N SER D 75 -25.60 0.08 -11.43
CA SER D 75 -26.27 0.17 -12.73
C SER D 75 -25.34 -0.01 -13.90
N LEU D 76 -25.82 -0.71 -14.93
CA LEU D 76 -25.13 -0.82 -16.20
C LEU D 76 -25.97 0.01 -17.18
N THR D 77 -25.33 1.04 -17.77
CA THR D 77 -25.96 1.94 -18.72
C THR D 77 -25.40 1.64 -20.11
N ILE D 78 -26.31 1.51 -21.09
CA ILE D 78 -25.96 1.32 -22.49
C ILE D 78 -26.59 2.49 -23.26
N SER D 79 -25.76 3.43 -23.78
CA SER D 79 -26.22 4.56 -24.58
C SER D 79 -26.01 4.21 -26.07
N GLY D 80 -26.86 4.75 -26.95
CA GLY D 80 -26.82 4.49 -28.38
C GLY D 80 -27.04 3.03 -28.75
N LEU D 81 -27.96 2.36 -28.00
CA LEU D 81 -28.38 0.96 -28.13
C LEU D 81 -28.34 0.45 -29.57
N LYS D 82 -27.71 -0.72 -29.76
CA LYS D 82 -27.63 -1.38 -31.06
C LYS D 82 -28.24 -2.75 -30.94
N THR D 83 -28.66 -3.29 -32.09
CA THR D 83 -29.25 -4.63 -32.20
C THR D 83 -28.25 -5.71 -31.68
N GLU D 84 -26.94 -5.47 -31.86
CA GLU D 84 -25.87 -6.38 -31.42
C GLU D 84 -25.72 -6.44 -29.90
N ASP D 85 -26.44 -5.57 -29.16
CA ASP D 85 -26.42 -5.50 -27.69
C ASP D 85 -27.39 -6.47 -27.04
N GLU D 86 -28.19 -7.19 -27.86
CA GLU D 86 -29.11 -8.23 -27.36
C GLU D 86 -28.25 -9.32 -26.80
N ALA D 87 -28.50 -9.69 -25.53
CA ALA D 87 -27.76 -10.69 -24.75
C ALA D 87 -28.30 -10.70 -23.33
N ASP D 88 -27.71 -11.56 -22.49
CA ASP D 88 -28.02 -11.61 -21.05
C ASP D 88 -26.92 -10.82 -20.32
N TYR D 89 -27.30 -10.07 -19.29
CA TYR D 89 -26.38 -9.26 -18.49
C TYR D 89 -26.47 -9.65 -17.05
N TYR D 90 -25.31 -9.94 -16.43
CA TYR D 90 -25.24 -10.34 -15.03
C TYR D 90 -24.39 -9.37 -14.24
N CYS D 91 -24.90 -8.93 -13.09
CA CYS D 91 -24.08 -8.14 -12.20
C CYS D 91 -23.47 -9.15 -11.26
N GLN D 92 -22.39 -8.77 -10.63
CA GLN D 92 -21.69 -9.63 -9.71
C GLN D 92 -20.95 -8.78 -8.68
N THR D 93 -20.94 -9.23 -7.44
CA THR D 93 -20.17 -8.60 -6.40
C THR D 93 -19.81 -9.67 -5.34
N TYR D 94 -19.34 -9.24 -4.17
CA TYR D 94 -18.81 -10.15 -3.18
C TYR D 94 -18.87 -9.55 -1.78
N ASP D 95 -18.43 -10.35 -0.80
CA ASP D 95 -18.23 -9.91 0.57
C ASP D 95 -16.90 -10.56 0.99
N PRO D 96 -16.40 -10.46 2.24
CA PRO D 96 -15.11 -11.13 2.55
C PRO D 96 -15.05 -12.66 2.36
N TYR D 97 -16.17 -13.33 2.13
N TYR D 97 -16.23 -13.35 2.32
CA TYR D 97 -16.07 -14.75 1.87
CA TYR D 97 -16.42 -14.81 2.31
C TYR D 97 -16.67 -15.11 0.53
C TYR D 97 -17.06 -15.47 1.06
N SER D 98 -17.94 -14.74 0.34
CA SER D 98 -18.71 -15.15 -0.83
C SER D 98 -18.53 -14.30 -2.06
N VAL D 99 -18.94 -14.85 -3.21
CA VAL D 99 -19.01 -14.18 -4.49
C VAL D 99 -20.44 -14.48 -4.94
N VAL D 100 -21.20 -13.45 -5.38
CA VAL D 100 -22.60 -13.62 -5.75
C VAL D 100 -22.89 -13.01 -7.12
N PHE D 101 -23.62 -13.74 -7.98
CA PHE D 101 -24.08 -13.18 -9.26
C PHE D 101 -25.55 -12.84 -9.10
N GLY D 102 -26.00 -11.79 -9.81
CA GLY D 102 -27.43 -11.48 -9.89
C GLY D 102 -28.08 -12.54 -10.76
N GLY D 103 -29.40 -12.58 -10.77
CA GLY D 103 -30.16 -13.54 -11.59
C GLY D 103 -30.04 -13.39 -13.10
N GLY D 104 -29.57 -12.24 -13.55
CA GLY D 104 -29.44 -11.98 -14.99
C GLY D 104 -30.61 -11.20 -15.57
N THR D 105 -30.34 -10.42 -16.63
CA THR D 105 -31.35 -9.60 -17.33
C THR D 105 -31.26 -9.88 -18.82
N LYS D 106 -32.39 -10.27 -19.43
CA LYS D 106 -32.47 -10.48 -20.89
C LYS D 106 -32.73 -9.11 -21.55
N LEU D 107 -31.77 -8.60 -22.32
CA LEU D 107 -31.98 -7.32 -22.98
C LEU D 107 -32.59 -7.53 -24.37
N THR D 108 -33.75 -6.90 -24.62
CA THR D 108 -34.44 -6.99 -25.92
C THR D 108 -34.32 -5.64 -26.61
N VAL D 109 -33.80 -5.63 -27.84
CA VAL D 109 -33.73 -4.44 -28.67
C VAL D 109 -35.01 -4.52 -29.52
N LEU D 110 -35.88 -3.51 -29.37
CA LEU D 110 -37.19 -3.45 -30.02
C LEU D 110 -37.16 -2.98 -31.47
N GLY D 111 -38.28 -3.21 -32.16
CA GLY D 111 -38.50 -2.76 -33.53
C GLY D 111 -37.68 -3.45 -34.60
N GLN D 112 -37.17 -4.65 -34.30
CA GLN D 112 -36.40 -5.44 -35.24
C GLN D 112 -37.34 -6.01 -36.32
N PRO D 113 -36.91 -6.05 -37.60
CA PRO D 113 -37.85 -6.49 -38.66
C PRO D 113 -38.24 -7.96 -38.59
N LYS D 114 -39.50 -8.21 -38.97
CA LYS D 114 -40.11 -9.54 -39.05
C LYS D 114 -39.40 -10.29 -40.20
N ALA D 115 -38.85 -11.49 -39.92
CA ALA D 115 -38.15 -12.32 -40.90
C ALA D 115 -38.82 -13.69 -41.03
N ALA D 116 -39.08 -14.12 -42.29
CA ALA D 116 -39.70 -15.40 -42.59
C ALA D 116 -38.70 -16.57 -42.40
N PRO D 117 -39.16 -17.73 -41.90
CA PRO D 117 -38.25 -18.86 -41.77
C PRO D 117 -37.78 -19.43 -43.11
N SER D 118 -36.56 -19.95 -43.12
CA SER D 118 -35.95 -20.71 -44.21
C SER D 118 -36.15 -22.12 -43.71
N VAL D 119 -36.83 -22.95 -44.48
CA VAL D 119 -37.17 -24.33 -44.12
C VAL D 119 -36.54 -25.36 -45.06
N THR D 120 -35.90 -26.41 -44.48
CA THR D 120 -35.36 -27.51 -45.26
C THR D 120 -35.85 -28.78 -44.63
N LEU D 121 -36.47 -29.65 -45.45
CA LEU D 121 -36.96 -30.94 -44.98
C LEU D 121 -36.19 -32.06 -45.66
N PHE D 122 -35.64 -32.99 -44.86
CA PHE D 122 -34.95 -34.17 -45.36
C PHE D 122 -35.78 -35.43 -45.07
N PRO D 123 -35.83 -36.34 -46.05
CA PRO D 123 -36.52 -37.63 -45.82
C PRO D 123 -35.57 -38.57 -45.04
N PRO D 124 -35.96 -39.81 -44.63
CA PRO D 124 -34.98 -40.69 -43.97
C PRO D 124 -33.88 -41.07 -44.98
N SER D 125 -32.64 -41.27 -44.53
CA SER D 125 -31.56 -41.75 -45.40
C SER D 125 -31.77 -43.25 -45.67
N SER D 126 -31.17 -43.78 -46.76
CA SER D 126 -31.19 -45.23 -47.05
C SER D 126 -30.56 -46.03 -45.91
N GLU D 127 -29.48 -45.50 -45.29
CA GLU D 127 -28.75 -46.15 -44.18
C GLU D 127 -29.64 -46.35 -42.96
N GLU D 128 -30.41 -45.33 -42.63
CA GLU D 128 -31.32 -45.39 -41.47
C GLU D 128 -32.47 -46.37 -41.75
N LEU D 129 -33.07 -46.33 -42.96
CA LEU D 129 -34.13 -47.27 -43.36
C LEU D 129 -33.65 -48.73 -43.28
N GLN D 130 -32.40 -48.98 -43.66
CA GLN D 130 -31.76 -50.29 -43.60
C GLN D 130 -31.61 -50.76 -42.14
N ALA D 131 -31.45 -49.83 -41.20
CA ALA D 131 -31.37 -50.08 -39.76
C ALA D 131 -32.78 -50.15 -39.09
N ASN D 132 -33.83 -50.29 -39.92
CA ASN D 132 -35.24 -50.41 -39.52
C ASN D 132 -35.76 -49.18 -38.74
N LYS D 133 -35.25 -48.00 -39.09
CA LYS D 133 -35.61 -46.73 -38.47
C LYS D 133 -35.91 -45.71 -39.57
N ALA D 134 -36.58 -44.62 -39.22
CA ALA D 134 -36.93 -43.59 -40.20
C ALA D 134 -37.19 -42.27 -39.48
N THR D 135 -36.34 -41.27 -39.74
CA THR D 135 -36.50 -39.95 -39.15
C THR D 135 -36.60 -38.91 -40.27
N LEU D 136 -37.66 -38.08 -40.21
CA LEU D 136 -37.82 -36.92 -41.06
C LEU D 136 -37.26 -35.75 -40.26
N VAL D 137 -36.45 -34.93 -40.92
CA VAL D 137 -35.76 -33.79 -40.29
C VAL D 137 -36.19 -32.48 -40.94
N CYS D 138 -36.86 -31.62 -40.15
CA CYS D 138 -37.31 -30.34 -40.62
C CYS D 138 -36.50 -29.24 -39.92
N LEU D 139 -35.63 -28.55 -40.66
CA LEU D 139 -34.74 -27.50 -40.12
C LEU D 139 -35.26 -26.14 -40.46
N ILE D 140 -35.43 -25.32 -39.42
CA ILE D 140 -36.04 -23.99 -39.56
C ILE D 140 -35.10 -22.87 -39.10
N SER D 141 -34.74 -21.94 -39.97
CA SER D 141 -33.83 -20.89 -39.51
C SER D 141 -34.14 -19.51 -40.02
N ASP D 142 -33.43 -18.53 -39.44
CA ASP D 142 -33.44 -17.10 -39.75
C ASP D 142 -34.82 -16.47 -39.66
N PHE D 143 -35.59 -16.84 -38.64
CA PHE D 143 -36.91 -16.24 -38.50
C PHE D 143 -36.90 -15.27 -37.30
N TYR D 144 -37.71 -14.24 -37.40
CA TYR D 144 -37.86 -13.24 -36.34
C TYR D 144 -39.28 -12.70 -36.36
N PRO D 145 -40.02 -12.60 -35.22
CA PRO D 145 -39.68 -12.99 -33.83
C PRO D 145 -39.56 -14.51 -33.65
N GLY D 146 -39.28 -14.92 -32.43
CA GLY D 146 -39.05 -16.33 -32.08
C GLY D 146 -40.25 -17.23 -32.00
N ALA D 147 -41.45 -16.79 -32.28
CA ALA D 147 -42.57 -17.71 -32.16
C ALA D 147 -42.77 -18.44 -33.48
N VAL D 148 -42.91 -19.75 -33.41
CA VAL D 148 -43.11 -20.51 -34.61
C VAL D 148 -44.00 -21.73 -34.31
N THR D 149 -44.89 -22.10 -35.27
CA THR D 149 -45.72 -23.27 -35.17
C THR D 149 -45.22 -24.29 -36.17
N VAL D 150 -44.96 -25.52 -35.72
CA VAL D 150 -44.52 -26.60 -36.62
C VAL D 150 -45.56 -27.72 -36.60
N ALA D 151 -46.18 -28.03 -37.73
CA ALA D 151 -47.16 -29.13 -37.83
C ALA D 151 -46.68 -30.14 -38.87
N TRP D 152 -46.97 -31.42 -38.67
CA TRP D 152 -46.62 -32.47 -39.62
C TRP D 152 -47.87 -33.10 -40.21
N LYS D 153 -47.79 -33.51 -41.46
CA LYS D 153 -48.88 -34.21 -42.16
C LYS D 153 -48.35 -35.53 -42.76
N ALA D 154 -49.18 -36.59 -42.69
CA ALA D 154 -48.98 -37.92 -43.31
C ALA D 154 -50.03 -37.83 -44.40
N ASP D 155 -49.58 -37.60 -45.65
CA ASP D 155 -50.42 -37.25 -46.81
C ASP D 155 -51.06 -35.87 -46.45
N SER D 156 -52.37 -35.82 -46.15
CA SER D 156 -53.08 -34.60 -45.74
C SER D 156 -53.50 -34.67 -44.26
N SER D 157 -53.24 -35.83 -43.61
CA SER D 157 -53.64 -36.04 -42.23
C SER D 157 -52.66 -35.50 -41.20
N PRO D 158 -53.12 -34.67 -40.25
CA PRO D 158 -52.22 -34.19 -39.18
C PRO D 158 -51.67 -35.37 -38.38
N VAL D 159 -50.39 -35.29 -38.00
CA VAL D 159 -49.72 -36.32 -37.21
C VAL D 159 -49.07 -35.68 -36.00
N LYS D 160 -49.37 -36.18 -34.80
CA LYS D 160 -48.76 -35.67 -33.55
C LYS D 160 -47.81 -36.69 -32.89
N ALA D 161 -48.05 -38.00 -33.11
CA ALA D 161 -47.22 -39.05 -32.53
C ALA D 161 -45.87 -39.12 -33.24
N GLY D 162 -44.83 -39.22 -32.45
CA GLY D 162 -43.47 -39.33 -32.92
C GLY D 162 -42.79 -38.02 -33.25
N VAL D 163 -43.41 -36.87 -32.89
CA VAL D 163 -42.78 -35.60 -33.23
C VAL D 163 -42.06 -35.01 -32.00
N GLU D 164 -40.82 -34.54 -32.23
CA GLU D 164 -39.99 -33.85 -31.23
C GLU D 164 -39.52 -32.54 -31.88
N THR D 165 -39.92 -31.40 -31.30
CA THR D 165 -39.58 -30.05 -31.79
C THR D 165 -38.87 -29.27 -30.70
N THR D 166 -37.78 -28.60 -31.06
CA THR D 166 -37.05 -27.77 -30.12
C THR D 166 -37.81 -26.47 -29.90
N THR D 167 -37.56 -25.82 -28.76
CA THR D 167 -38.07 -24.47 -28.54
C THR D 167 -37.11 -23.58 -29.39
N PRO D 168 -37.57 -22.51 -30.02
CA PRO D 168 -36.64 -21.68 -30.81
C PRO D 168 -35.48 -21.11 -29.99
N SER D 169 -34.30 -21.05 -30.60
CA SER D 169 -33.11 -20.53 -29.94
C SER D 169 -32.52 -19.40 -30.75
N LYS D 170 -32.00 -18.39 -30.03
CA LYS D 170 -31.41 -17.21 -30.65
C LYS D 170 -30.08 -17.51 -31.31
N GLN D 171 -29.95 -17.07 -32.55
CA GLN D 171 -28.77 -17.20 -33.39
C GLN D 171 -27.87 -15.95 -33.14
N SER D 172 -26.64 -15.96 -33.71
CA SER D 172 -25.70 -14.86 -33.57
C SER D 172 -26.19 -13.56 -34.25
N ASN D 173 -27.12 -13.68 -35.24
CA ASN D 173 -27.67 -12.53 -35.97
C ASN D 173 -29.00 -11.97 -35.37
N ASN D 174 -29.38 -12.46 -34.17
CA ASN D 174 -30.61 -12.11 -33.42
C ASN D 174 -31.84 -12.83 -33.91
N LYS D 175 -31.75 -13.53 -35.07
CA LYS D 175 -32.89 -14.30 -35.57
C LYS D 175 -32.88 -15.66 -34.85
N TYR D 176 -33.87 -16.52 -35.14
CA TYR D 176 -34.07 -17.77 -34.44
C TYR D 176 -33.99 -18.99 -35.35
N ALA D 177 -33.64 -20.13 -34.75
CA ALA D 177 -33.54 -21.43 -35.39
C ALA D 177 -34.33 -22.40 -34.55
N ALA D 178 -34.86 -23.46 -35.18
CA ALA D 178 -35.58 -24.54 -34.54
C ALA D 178 -35.48 -25.75 -35.42
N SER D 179 -35.74 -26.93 -34.84
CA SER D 179 -35.73 -28.16 -35.60
C SER D 179 -36.81 -29.06 -35.09
N SER D 180 -37.38 -29.85 -36.00
CA SER D 180 -38.46 -30.78 -35.68
C SER D 180 -38.16 -32.11 -36.33
N TYR D 181 -38.33 -33.17 -35.56
CA TYR D 181 -38.06 -34.56 -35.94
C TYR D 181 -39.31 -35.36 -35.89
N LEU D 182 -39.57 -36.11 -36.96
CA LEU D 182 -40.71 -37.01 -37.02
C LEU D 182 -40.16 -38.43 -37.14
N SER D 183 -40.37 -39.22 -36.10
CA SER D 183 -39.95 -40.63 -36.03
C SER D 183 -41.07 -41.55 -36.52
N LEU D 184 -40.76 -42.39 -37.51
CA LEU D 184 -41.72 -43.31 -38.13
C LEU D 184 -41.07 -44.65 -38.23
N THR D 185 -41.86 -45.68 -38.54
CA THR D 185 -41.30 -46.99 -38.80
C THR D 185 -41.04 -46.94 -40.31
N PRO D 186 -40.10 -47.73 -40.89
CA PRO D 186 -39.97 -47.76 -42.36
C PRO D 186 -41.29 -48.06 -43.08
N GLU D 187 -42.18 -48.87 -42.48
CA GLU D 187 -43.49 -49.27 -43.02
C GLU D 187 -44.45 -48.10 -43.13
N GLN D 188 -44.56 -47.25 -42.09
CA GLN D 188 -45.37 -46.00 -42.13
C GLN D 188 -44.80 -45.07 -43.23
N TRP D 189 -43.45 -44.93 -43.30
CA TRP D 189 -42.80 -44.10 -44.31
C TRP D 189 -43.17 -44.55 -45.73
N LYS D 190 -43.03 -45.84 -46.03
CA LYS D 190 -43.29 -46.42 -47.36
C LYS D 190 -44.79 -46.52 -47.75
N SER D 191 -45.71 -46.58 -46.76
CA SER D 191 -47.14 -46.73 -47.01
C SER D 191 -47.87 -45.41 -47.36
N HIS D 192 -47.27 -44.25 -47.08
CA HIS D 192 -47.90 -42.98 -47.42
C HIS D 192 -47.32 -42.45 -48.72
N ARG D 193 -48.08 -41.61 -49.42
CA ARG D 193 -47.64 -41.00 -50.67
C ARG D 193 -46.59 -39.90 -50.37
N SER D 194 -46.77 -39.18 -49.24
CA SER D 194 -45.85 -38.13 -48.84
C SER D 194 -46.03 -37.76 -47.39
N TYR D 195 -45.07 -36.97 -46.87
CA TYR D 195 -45.10 -36.39 -45.54
C TYR D 195 -44.74 -34.92 -45.72
N SER D 196 -45.30 -34.07 -44.89
CA SER D 196 -45.05 -32.66 -44.96
C SER D 196 -44.74 -32.08 -43.61
N CYS D 197 -43.86 -31.07 -43.60
CA CYS D 197 -43.56 -30.25 -42.46
C CYS D 197 -44.12 -28.85 -42.81
N GLN D 198 -45.06 -28.34 -42.00
CA GLN D 198 -45.72 -27.04 -42.19
C GLN D 198 -45.23 -26.12 -41.09
N VAL D 199 -44.69 -24.99 -41.48
CA VAL D 199 -44.11 -24.06 -40.51
C VAL D 199 -44.83 -22.75 -40.64
N THR D 200 -45.55 -22.35 -39.59
CA THR D 200 -46.27 -21.09 -39.53
C THR D 200 -45.52 -20.08 -38.68
N HIS D 201 -45.40 -18.89 -39.23
CA HIS D 201 -44.70 -17.80 -38.59
C HIS D 201 -45.38 -16.53 -38.99
N GLU D 202 -45.87 -15.79 -37.98
CA GLU D 202 -46.58 -14.52 -38.17
C GLU D 202 -47.75 -14.59 -39.17
N GLY D 203 -48.46 -15.71 -39.15
CA GLY D 203 -49.63 -15.90 -40.02
C GLY D 203 -49.33 -16.44 -41.40
N SER D 204 -48.03 -16.56 -41.79
CA SER D 204 -47.64 -17.10 -43.11
C SER D 204 -47.06 -18.49 -42.91
N THR D 205 -47.35 -19.39 -43.83
CA THR D 205 -46.93 -20.78 -43.72
C THR D 205 -46.00 -21.17 -44.87
N VAL D 206 -44.98 -21.95 -44.53
CA VAL D 206 -44.13 -22.58 -45.50
C VAL D 206 -44.23 -24.06 -45.28
N GLU D 207 -44.66 -24.77 -46.33
CA GLU D 207 -44.84 -26.21 -46.24
C GLU D 207 -43.82 -26.93 -47.13
N LYS D 208 -43.08 -27.88 -46.54
CA LYS D 208 -42.13 -28.71 -47.30
C LYS D 208 -42.64 -30.13 -47.34
N THR D 209 -42.47 -30.80 -48.45
CA THR D 209 -42.96 -32.16 -48.66
C THR D 209 -41.86 -33.09 -49.17
N VAL D 210 -41.86 -34.34 -48.71
CA VAL D 210 -40.93 -35.39 -49.14
C VAL D 210 -41.78 -36.64 -49.36
N ALA D 211 -41.33 -37.51 -50.26
CA ALA D 211 -42.06 -38.71 -50.62
C ALA D 211 -41.11 -39.90 -50.67
N PRO D 212 -41.57 -41.12 -50.33
CA PRO D 212 -40.67 -42.30 -50.43
C PRO D 212 -40.23 -42.60 -51.88
N THR D 213 -38.98 -43.05 -52.02
CA THR D 213 -38.23 -43.36 -53.26
C THR D 213 -38.07 -42.11 -54.15
N GLU E 18 11.70 1.64 25.04
CA GLU E 18 11.72 3.11 24.90
C GLU E 18 12.73 3.57 23.84
N VAL E 19 12.27 4.45 22.93
CA VAL E 19 13.06 5.03 21.85
C VAL E 19 14.16 5.91 22.45
N GLN E 20 15.41 5.67 22.01
CA GLN E 20 16.58 6.43 22.42
C GLN E 20 17.41 6.78 21.21
N LEU E 21 17.78 8.06 21.11
CA LEU E 21 18.59 8.63 20.04
C LEU E 21 19.72 9.42 20.70
N LEU E 22 20.96 8.91 20.64
CA LEU E 22 22.11 9.56 21.31
C LEU E 22 23.16 10.11 20.33
N GLU E 23 23.18 11.45 20.16
CA GLU E 23 24.12 12.16 19.26
C GLU E 23 25.50 12.32 19.88
N SER E 24 26.52 12.26 19.05
CA SER E 24 27.94 12.39 19.40
C SER E 24 28.62 13.08 18.24
N GLY E 25 29.84 13.59 18.47
CA GLY E 25 30.69 14.17 17.44
C GLY E 25 30.76 15.68 17.35
N GLY E 26 29.94 16.37 18.11
CA GLY E 26 29.93 17.83 18.05
C GLY E 26 31.14 18.44 18.71
N GLY E 27 31.53 19.62 18.24
CA GLY E 27 32.68 20.34 18.78
C GLY E 27 33.00 21.58 17.98
N LEU E 28 34.17 22.17 18.24
CA LEU E 28 34.68 23.37 17.58
C LEU E 28 35.51 23.00 16.37
N VAL E 29 35.23 23.65 15.24
CA VAL E 29 35.92 23.42 13.98
C VAL E 29 36.11 24.79 13.31
N GLN E 30 37.21 24.96 12.63
CA GLN E 30 37.58 26.13 11.85
C GLN E 30 36.78 26.15 10.52
N PRO E 31 36.40 27.35 9.97
CA PRO E 31 35.79 27.39 8.63
C PRO E 31 36.63 26.62 7.60
N GLY E 32 35.94 25.90 6.72
CA GLY E 32 36.52 25.05 5.68
C GLY E 32 36.76 23.64 6.17
N GLY E 33 36.56 23.45 7.45
CA GLY E 33 36.79 22.21 8.18
C GLY E 33 35.72 21.15 8.00
N SER E 34 36.00 19.98 8.56
CA SER E 34 35.17 18.79 8.49
C SER E 34 34.86 18.30 9.87
N LEU E 35 33.71 17.61 10.00
CA LEU E 35 33.28 16.99 11.25
C LEU E 35 32.28 15.89 10.90
N ARG E 36 32.30 14.77 11.65
CA ARG E 36 31.31 13.70 11.43
C ARG E 36 30.47 13.53 12.68
N LEU E 37 29.14 13.59 12.54
CA LEU E 37 28.24 13.38 13.66
C LEU E 37 27.70 11.97 13.60
N SER E 38 27.41 11.39 14.76
CA SER E 38 26.85 10.06 14.89
C SER E 38 25.60 10.16 15.71
N CYS E 39 24.69 9.24 15.50
CA CYS E 39 23.50 9.12 16.31
C CYS E 39 23.28 7.63 16.53
N ALA E 40 23.44 7.16 17.76
CA ALA E 40 23.24 5.76 18.10
C ALA E 40 21.79 5.62 18.53
N ALA E 41 21.06 4.73 17.88
CA ALA E 41 19.66 4.48 18.16
C ALA E 41 19.45 3.14 18.84
N SER E 42 18.45 3.06 19.73
CA SER E 42 18.01 1.83 20.37
C SER E 42 16.51 1.97 20.73
N GLY E 43 15.86 0.84 21.10
CA GLY E 43 14.46 0.80 21.49
C GLY E 43 13.48 0.71 20.34
N PHE E 44 13.97 0.45 19.11
CA PHE E 44 13.15 0.32 17.91
C PHE E 44 13.95 -0.37 16.81
N THR E 45 13.24 -0.94 15.81
CA THR E 45 13.87 -1.62 14.67
C THR E 45 14.36 -0.51 13.71
N PHE E 46 15.61 -0.08 13.92
CA PHE E 46 16.25 1.04 13.23
C PHE E 46 16.13 1.02 11.70
N SER E 47 16.41 -0.12 11.05
CA SER E 47 16.39 -0.24 9.58
C SER E 47 15.00 -0.03 8.95
N SER E 48 13.92 -0.09 9.74
CA SER E 48 12.62 0.13 9.16
C SER E 48 12.13 1.60 9.37
N TYR E 49 13.05 2.52 9.73
CA TYR E 49 12.70 3.93 9.95
C TYR E 49 13.56 4.92 9.17
N ALA E 50 12.90 5.85 8.49
CA ALA E 50 13.51 6.99 7.83
C ALA E 50 14.05 7.85 8.98
N MET E 51 15.26 8.41 8.81
CA MET E 51 15.91 9.20 9.86
C MET E 51 16.23 10.57 9.32
N SER E 52 16.32 11.55 10.20
CA SER E 52 16.57 12.95 9.82
C SER E 52 17.57 13.64 10.74
N TRP E 53 18.20 14.71 10.22
CA TRP E 53 19.02 15.66 10.97
C TRP E 53 18.36 17.01 10.86
N VAL E 54 18.16 17.67 12.02
CA VAL E 54 17.56 19.02 12.13
C VAL E 54 18.52 19.87 13.01
N ARG E 55 18.75 21.13 12.64
CA ARG E 55 19.65 21.97 13.43
C ARG E 55 18.95 23.20 14.01
N GLN E 56 19.52 23.74 15.08
CA GLN E 56 19.01 24.95 15.72
C GLN E 56 20.18 25.83 16.18
N ALA E 57 20.35 26.99 15.56
CA ALA E 57 21.37 27.97 15.95
C ALA E 57 20.88 28.59 17.28
N PRO E 58 21.76 29.02 18.23
CA PRO E 58 21.24 29.54 19.52
C PRO E 58 20.29 30.75 19.36
N GLY E 59 19.15 30.65 20.04
CA GLY E 59 18.06 31.63 19.99
C GLY E 59 17.35 31.74 18.66
N LYS E 60 17.44 30.70 17.80
CA LYS E 60 16.80 30.73 16.49
C LYS E 60 15.87 29.51 16.34
N GLY E 61 15.24 29.39 15.17
CA GLY E 61 14.30 28.32 14.89
C GLY E 61 14.93 27.00 14.45
N LEU E 62 14.08 25.97 14.31
CA LEU E 62 14.48 24.64 13.84
C LEU E 62 14.65 24.70 12.32
N GLU E 63 15.74 24.11 11.81
CA GLU E 63 16.03 24.09 10.37
C GLU E 63 16.41 22.68 9.95
N TRP E 64 15.60 22.10 9.05
CA TRP E 64 15.84 20.77 8.52
C TRP E 64 17.13 20.75 7.74
N VAL E 65 17.93 19.69 7.93
CA VAL E 65 19.23 19.55 7.26
C VAL E 65 19.19 18.44 6.20
N SER E 66 18.83 17.23 6.63
CA SER E 66 18.95 16.06 5.76
C SER E 66 18.04 14.92 6.24
N ALA E 67 17.70 13.99 5.34
CA ALA E 67 16.88 12.81 5.62
C ALA E 67 17.40 11.64 4.80
N ILE E 68 17.12 10.44 5.29
CA ILE E 68 17.57 9.19 4.67
C ILE E 68 16.48 8.14 4.90
N SER E 69 16.17 7.34 3.86
CA SER E 69 15.14 6.29 3.98
C SER E 69 15.69 5.17 4.90
N GLY E 70 14.81 4.28 5.37
CA GLY E 70 15.18 3.16 6.24
C GLY E 70 16.33 2.31 5.70
N SER E 71 16.30 2.03 4.38
CA SER E 71 17.32 1.19 3.72
C SER E 71 18.62 1.97 3.43
N GLY E 72 18.53 3.31 3.38
CA GLY E 72 19.63 4.18 3.03
C GLY E 72 19.72 4.43 1.53
N GLY E 73 18.78 3.89 0.78
CA GLY E 73 18.73 4.00 -0.69
C GLY E 73 18.37 5.36 -1.24
N SER E 74 17.70 6.21 -0.44
CA SER E 74 17.28 7.57 -0.82
C SER E 74 17.76 8.55 0.24
N THR E 75 18.38 9.66 -0.19
CA THR E 75 18.89 10.74 0.68
C THR E 75 18.31 12.06 0.19
N TYR E 76 18.06 13.00 1.14
CA TYR E 76 17.43 14.30 0.88
C TYR E 76 18.22 15.38 1.61
N TYR E 77 18.37 16.56 1.00
CA TYR E 77 19.19 17.63 1.59
C TYR E 77 18.58 18.99 1.45
N ALA E 78 18.75 19.84 2.49
CA ALA E 78 18.36 21.25 2.42
C ALA E 78 19.35 21.90 1.44
N ASP E 79 18.88 22.94 0.69
CA ASP E 79 19.71 23.68 -0.28
C ASP E 79 20.97 24.26 0.34
N SER E 80 20.88 24.75 1.59
CA SER E 80 21.95 25.38 2.36
C SER E 80 23.10 24.41 2.67
N VAL E 81 22.92 23.07 2.47
CA VAL E 81 23.93 22.07 2.84
C VAL E 81 24.32 21.15 1.68
N LYS E 82 23.65 21.29 0.50
CA LYS E 82 23.92 20.47 -0.69
C LYS E 82 25.37 20.56 -1.15
N GLY E 83 25.95 19.41 -1.47
CA GLY E 83 27.35 19.29 -1.90
C GLY E 83 28.39 19.33 -0.79
N ARG E 84 28.00 19.74 0.42
CA ARG E 84 28.89 19.84 1.56
C ARG E 84 28.65 18.74 2.60
N PHE E 85 27.38 18.35 2.80
CA PHE E 85 27.06 17.34 3.82
C PHE E 85 26.59 16.04 3.18
N THR E 86 26.82 14.94 3.91
CA THR E 86 26.45 13.61 3.47
C THR E 86 25.78 12.91 4.61
N ILE E 87 24.53 12.47 4.37
CA ILE E 87 23.84 11.68 5.36
C ILE E 87 24.07 10.20 4.99
N SER E 88 24.30 9.36 5.99
CA SER E 88 24.48 7.91 5.76
C SER E 88 24.04 7.20 7.03
N ARG E 89 23.91 5.90 6.96
CA ARG E 89 23.48 5.09 8.10
C ARG E 89 24.14 3.73 8.05
N ASP E 90 24.37 3.11 9.22
CA ASP E 90 24.88 1.75 9.32
C ASP E 90 23.84 0.96 10.09
N ASN E 91 22.99 0.22 9.34
CA ASN E 91 21.88 -0.56 9.88
C ASN E 91 22.35 -1.75 10.73
N SER E 92 23.58 -2.25 10.54
CA SER E 92 24.08 -3.33 11.41
C SER E 92 24.52 -2.77 12.77
N LYS E 93 24.90 -1.49 12.83
CA LYS E 93 25.38 -0.81 14.04
C LYS E 93 24.29 0.07 14.66
N ASN E 94 23.13 0.24 13.97
CA ASN E 94 22.01 1.11 14.41
C ASN E 94 22.48 2.55 14.58
N THR E 95 23.29 3.04 13.63
CA THR E 95 23.83 4.40 13.73
C THR E 95 23.54 5.21 12.50
N LEU E 96 23.23 6.49 12.72
CA LEU E 96 22.96 7.47 11.67
C LEU E 96 24.18 8.40 11.70
N TYR E 97 24.66 8.82 10.53
CA TYR E 97 25.81 9.71 10.43
C TYR E 97 25.50 10.96 9.66
N LEU E 98 26.23 12.04 9.99
CA LEU E 98 26.18 13.27 9.21
C LEU E 98 27.64 13.71 9.02
N GLN E 99 28.16 13.52 7.81
CA GLN E 99 29.50 13.93 7.46
C GLN E 99 29.36 15.37 6.97
N MET E 100 29.96 16.32 7.70
CA MET E 100 29.90 17.75 7.40
C MET E 100 31.25 18.29 6.87
N ASN E 101 31.37 18.53 5.53
CA ASN E 101 32.59 19.05 4.92
C ASN E 101 32.36 20.51 4.62
N SER E 102 33.46 21.27 4.37
CA SER E 102 33.39 22.67 3.95
C SER E 102 32.51 23.51 4.86
N LEU E 103 32.71 23.35 6.16
CA LEU E 103 31.95 24.02 7.18
C LEU E 103 32.13 25.55 7.19
N ARG E 104 31.04 26.25 7.55
CA ARG E 104 31.07 27.70 7.67
C ARG E 104 30.43 28.13 8.94
N ALA E 105 30.70 29.39 9.35
CA ALA E 105 30.22 29.99 10.59
C ALA E 105 28.70 29.79 10.79
N GLU E 106 27.93 29.90 9.69
CA GLU E 106 26.47 29.77 9.62
C GLU E 106 25.96 28.36 9.91
N ASP E 107 26.87 27.38 9.96
CA ASP E 107 26.51 26.01 10.28
C ASP E 107 26.52 25.78 11.80
N THR E 108 26.95 26.79 12.60
CA THR E 108 26.95 26.70 14.08
C THR E 108 25.55 26.47 14.58
N ALA E 109 25.33 25.38 15.33
CA ALA E 109 24.00 25.01 15.83
C ALA E 109 24.09 23.76 16.66
N VAL E 110 22.99 23.46 17.36
CA VAL E 110 22.77 22.18 18.03
C VAL E 110 22.15 21.31 16.89
N TYR E 111 22.76 20.16 16.61
CA TYR E 111 22.28 19.21 15.61
C TYR E 111 21.55 18.05 16.30
N TYR E 112 20.28 17.88 15.91
CA TYR E 112 19.41 16.83 16.41
C TYR E 112 19.19 15.77 15.37
N CYS E 113 19.23 14.57 15.87
CA CYS E 113 18.95 13.32 15.22
C CYS E 113 17.40 13.12 15.46
N ALA E 114 16.67 12.68 14.44
CA ALA E 114 15.23 12.49 14.55
C ALA E 114 14.77 11.23 13.86
N ARG E 115 13.80 10.52 14.46
CA ARG E 115 13.20 9.33 13.88
C ARG E 115 11.89 9.73 13.20
N ASP E 116 11.72 9.32 11.93
CA ASP E 116 10.54 9.61 11.13
C ASP E 116 9.66 8.38 10.88
N LEU E 117 8.34 8.50 11.08
CA LEU E 117 7.40 7.39 10.85
C LEU E 117 7.23 7.09 9.35
N ILE E 118 7.35 8.15 8.54
CA ILE E 118 7.40 8.19 7.07
C ILE E 118 8.24 9.43 6.79
N HIS E 119 8.67 9.63 5.53
CA HIS E 119 9.39 10.83 5.11
C HIS E 119 8.56 12.07 5.53
N GLY E 120 9.20 12.94 6.29
CA GLY E 120 8.67 14.21 6.78
C GLY E 120 7.81 14.17 8.02
N VAL E 121 7.60 13.00 8.65
CA VAL E 121 6.75 12.88 9.85
C VAL E 121 7.65 12.48 11.03
N THR E 122 8.27 13.47 11.70
CA THR E 122 9.19 13.09 12.78
C THR E 122 8.42 12.85 14.08
N ARG E 123 8.74 11.72 14.70
CA ARG E 123 8.08 11.25 15.92
C ARG E 123 8.93 11.38 17.20
N ASN E 124 10.27 11.34 17.07
CA ASN E 124 11.20 11.39 18.20
C ASN E 124 12.41 12.18 17.84
N TRP E 125 12.96 12.89 18.83
CA TRP E 125 14.14 13.74 18.73
C TRP E 125 15.21 13.25 19.70
N GLY E 126 16.47 13.41 19.33
CA GLY E 126 17.58 13.12 20.24
C GLY E 126 17.82 14.33 21.13
N GLN E 127 18.90 14.34 21.90
CA GLN E 127 19.24 15.45 22.83
C GLN E 127 20.06 16.56 22.18
N GLY E 128 20.61 16.28 21.02
CA GLY E 128 21.41 17.22 20.27
C GLY E 128 22.89 17.18 20.62
N THR E 129 23.71 17.68 19.69
CA THR E 129 25.17 17.82 19.83
C THR E 129 25.51 19.18 19.24
N LEU E 130 26.25 20.00 20.01
CA LEU E 130 26.63 21.36 19.60
C LEU E 130 27.81 21.38 18.65
N VAL E 131 27.62 22.03 17.49
CA VAL E 131 28.69 22.21 16.49
C VAL E 131 29.01 23.69 16.43
N THR E 132 30.29 24.06 16.66
CA THR E 132 30.73 25.46 16.59
C THR E 132 31.71 25.57 15.48
N VAL E 133 31.41 26.44 14.53
CA VAL E 133 32.28 26.70 13.38
C VAL E 133 32.68 28.16 13.53
N SER E 134 33.97 28.39 13.78
CA SER E 134 34.52 29.71 14.08
C SER E 134 36.00 29.71 13.82
N SER E 135 36.53 30.87 13.49
CA SER E 135 37.97 30.96 13.31
C SER E 135 38.66 31.28 14.65
N ALA E 136 37.90 31.36 15.75
CA ALA E 136 38.43 31.54 17.12
C ALA E 136 38.83 30.17 17.65
N SER E 137 39.90 30.11 18.41
CA SER E 137 40.36 28.83 18.92
C SER E 137 39.86 28.57 20.33
N THR E 138 39.92 27.31 20.79
CA THR E 138 39.49 26.93 22.15
C THR E 138 40.26 27.77 23.20
N LYS E 139 39.54 28.37 24.15
CA LYS E 139 40.16 29.11 25.25
C LYS E 139 39.49 28.71 26.56
N GLY E 140 40.29 28.26 27.50
CA GLY E 140 39.81 27.93 28.83
C GLY E 140 39.58 29.22 29.62
N PRO E 141 38.60 29.25 30.54
CA PRO E 141 38.35 30.49 31.29
C PRO E 141 39.36 30.75 32.40
N SER E 142 39.46 32.02 32.80
CA SER E 142 40.20 32.31 34.01
C SER E 142 39.06 32.51 35.05
N VAL E 143 39.15 31.82 36.19
CA VAL E 143 38.14 31.83 37.27
C VAL E 143 38.57 32.74 38.42
N PHE E 144 37.73 33.75 38.71
CA PHE E 144 37.98 34.71 39.75
C PHE E 144 36.95 34.67 40.85
N PRO E 145 37.36 34.75 42.13
CA PRO E 145 36.37 34.78 43.21
C PRO E 145 35.65 36.13 43.25
N LEU E 146 34.35 36.12 43.59
CA LEU E 146 33.52 37.32 43.79
C LEU E 146 33.21 37.26 45.27
N ALA E 147 34.12 37.85 46.05
CA ALA E 147 34.14 37.83 47.50
C ALA E 147 32.91 38.46 48.13
N PRO E 148 32.36 37.78 49.16
CA PRO E 148 31.26 38.38 49.93
C PRO E 148 31.83 39.58 50.70
N SER E 149 31.06 40.66 50.80
CA SER E 149 31.48 41.89 51.47
C SER E 149 30.27 42.56 52.11
N SER E 150 30.42 43.84 52.52
CA SER E 150 29.36 44.65 53.10
C SER E 150 28.34 45.06 52.04
N LYS E 151 28.77 45.18 50.76
CA LYS E 151 27.92 45.58 49.63
C LYS E 151 27.07 44.43 49.05
N SER E 152 27.45 43.18 49.36
CA SER E 152 26.70 42.01 48.89
C SER E 152 25.90 41.39 50.06
N THR E 153 25.78 42.14 51.20
CA THR E 153 25.06 41.76 52.43
C THR E 153 23.91 42.70 52.84
N SER E 154 22.69 42.12 52.99
CA SER E 154 21.46 42.78 53.43
C SER E 154 20.51 41.72 53.94
N GLY E 155 19.78 42.02 55.02
CA GLY E 155 18.80 41.14 55.63
C GLY E 155 19.32 39.76 56.01
N GLY E 156 20.49 39.73 56.64
CA GLY E 156 21.10 38.50 57.12
C GLY E 156 21.61 37.55 56.06
N THR E 157 21.72 37.98 54.79
CA THR E 157 22.26 37.08 53.77
C THR E 157 23.45 37.72 53.07
N ALA E 158 24.40 36.89 52.65
CA ALA E 158 25.58 37.34 51.92
C ALA E 158 25.56 36.72 50.53
N ALA E 159 25.96 37.51 49.53
CA ALA E 159 26.10 37.06 48.16
C ALA E 159 27.59 36.87 47.87
N LEU E 160 27.93 35.70 47.36
CA LEU E 160 29.29 35.41 46.98
C LEU E 160 29.27 34.66 45.68
N GLY E 161 30.34 34.74 44.91
CA GLY E 161 30.32 34.08 43.62
C GLY E 161 31.66 33.77 42.99
N CYS E 162 31.58 33.40 41.72
CA CYS E 162 32.70 33.09 40.85
C CYS E 162 32.46 33.67 39.49
N LEU E 163 33.46 34.36 38.96
CA LEU E 163 33.46 34.91 37.62
C LEU E 163 34.25 33.95 36.74
N VAL E 164 33.60 33.47 35.69
CA VAL E 164 34.17 32.52 34.71
C VAL E 164 34.32 33.35 33.44
N LYS E 165 35.54 33.88 33.28
CA LYS E 165 35.87 34.87 32.27
C LYS E 165 36.53 34.31 31.03
N ASP E 166 36.15 34.84 29.87
CA ASP E 166 36.72 34.63 28.53
C ASP E 166 37.03 33.18 28.15
N TYR E 167 35.98 32.41 27.91
CA TYR E 167 36.17 31.05 27.48
C TYR E 167 35.52 30.91 26.11
N PHE E 168 35.96 29.89 25.39
CA PHE E 168 35.40 29.57 24.09
C PHE E 168 35.74 28.13 23.76
N PRO E 169 34.79 27.36 23.22
CA PRO E 169 33.37 27.69 22.97
C PRO E 169 32.51 27.34 24.18
N GLN E 170 31.18 27.40 24.02
CA GLN E 170 30.23 26.91 25.00
C GLN E 170 30.36 25.36 25.06
N PRO E 171 30.01 24.67 26.16
CA PRO E 171 29.40 25.16 27.39
C PRO E 171 30.35 25.13 28.59
N VAL E 172 29.98 25.78 29.72
CA VAL E 172 30.69 25.66 30.99
C VAL E 172 29.70 25.16 32.05
N THR E 173 30.23 24.43 33.03
CA THR E 173 29.39 23.90 34.08
C THR E 173 29.94 24.40 35.44
N VAL E 174 29.06 24.84 36.34
CA VAL E 174 29.44 25.35 37.66
C VAL E 174 28.63 24.62 38.73
N SER E 175 29.34 24.11 39.74
CA SER E 175 28.70 23.55 40.94
C SER E 175 29.35 24.25 42.15
N TRP E 176 28.78 24.05 43.33
CA TRP E 176 29.29 24.63 44.57
C TRP E 176 29.49 23.52 45.58
N ASN E 177 30.67 23.51 46.24
CA ASN E 177 31.05 22.52 47.26
C ASN E 177 30.84 21.09 46.74
N SER E 178 31.29 20.84 45.48
CA SER E 178 31.22 19.55 44.77
C SER E 178 29.78 19.00 44.66
N GLY E 179 28.79 19.89 44.58
CA GLY E 179 27.38 19.54 44.47
C GLY E 179 26.59 19.48 45.77
N ALA E 180 27.28 19.55 46.93
CA ALA E 180 26.67 19.52 48.27
C ALA E 180 25.88 20.79 48.58
N LEU E 181 26.17 21.90 47.86
CA LEU E 181 25.52 23.21 48.02
C LEU E 181 24.69 23.49 46.77
N THR E 182 23.35 23.46 46.90
CA THR E 182 22.41 23.70 45.81
C THR E 182 21.43 24.81 46.14
N SER E 183 21.08 24.95 47.42
CA SER E 183 20.15 26.00 47.89
C SER E 183 20.83 27.37 47.84
N GLY E 184 20.16 28.35 47.26
CA GLY E 184 20.68 29.70 47.11
C GLY E 184 21.63 29.90 45.94
N VAL E 185 21.85 28.86 45.11
CA VAL E 185 22.73 28.90 43.94
C VAL E 185 21.99 29.48 42.73
N HIS E 186 22.66 30.41 42.01
CA HIS E 186 22.20 31.00 40.77
C HIS E 186 23.36 31.16 39.80
N THR E 187 23.42 30.25 38.81
CA THR E 187 24.42 30.28 37.73
C THR E 187 23.73 30.98 36.59
N PHE E 188 24.30 32.09 36.17
CA PHE E 188 23.70 32.93 35.15
C PHE E 188 24.06 32.49 33.74
N PRO E 189 23.15 32.68 32.78
CA PRO E 189 23.51 32.46 31.36
C PRO E 189 24.71 33.34 30.96
N ALA E 190 25.58 32.78 30.13
CA ALA E 190 26.77 33.44 29.61
C ALA E 190 26.49 34.69 28.75
N VAL E 191 27.42 35.66 28.79
CA VAL E 191 27.38 36.81 27.90
C VAL E 191 28.32 36.46 26.72
N LEU E 192 27.96 36.83 25.49
CA LEU E 192 28.86 36.67 24.34
C LEU E 192 29.44 38.09 24.10
N GLN E 193 30.73 38.30 24.38
CA GLN E 193 31.38 39.61 24.25
C GLN E 193 31.68 39.93 22.80
N SER E 194 31.98 41.23 22.50
CA SER E 194 32.35 41.71 21.15
C SER E 194 33.64 41.06 20.65
N SER E 195 34.46 40.53 21.59
CA SER E 195 35.70 39.79 21.34
C SER E 195 35.40 38.38 20.77
N GLY E 196 34.16 37.91 20.92
CA GLY E 196 33.74 36.57 20.52
C GLY E 196 33.93 35.55 21.65
N LEU E 197 34.31 36.04 22.84
CA LEU E 197 34.52 35.13 23.98
C LEU E 197 33.34 35.17 24.92
N TYR E 198 33.12 34.10 25.64
CA TYR E 198 32.02 34.03 26.60
C TYR E 198 32.51 34.31 27.98
N SER E 199 31.61 34.80 28.85
CA SER E 199 31.86 34.95 30.27
C SER E 199 30.58 34.63 31.00
N LEU E 200 30.69 34.00 32.17
CA LEU E 200 29.50 33.80 32.99
C LEU E 200 29.84 33.96 34.46
N SER E 201 28.82 34.13 35.29
CA SER E 201 29.01 34.23 36.72
C SER E 201 28.06 33.26 37.41
N SER E 202 28.47 32.75 38.57
CA SER E 202 27.62 31.93 39.40
C SER E 202 27.65 32.57 40.79
N VAL E 203 26.48 32.78 41.41
CA VAL E 203 26.38 33.35 42.74
C VAL E 203 25.62 32.45 43.68
N VAL E 204 25.98 32.50 44.95
CA VAL E 204 25.25 31.81 45.98
C VAL E 204 24.92 32.84 47.09
N THR E 205 23.68 32.78 47.57
CA THR E 205 23.24 33.63 48.67
C THR E 205 23.21 32.72 49.91
N VAL E 206 23.99 33.10 50.93
CA VAL E 206 24.19 32.26 52.13
C VAL E 206 23.86 33.03 53.42
N PRO E 207 23.60 32.34 54.57
CA PRO E 207 23.43 33.09 55.83
C PRO E 207 24.72 33.87 56.08
N SER E 208 24.61 35.18 56.38
CA SER E 208 25.78 36.03 56.64
C SER E 208 26.62 35.52 57.82
N SER E 209 26.00 34.80 58.78
CA SER E 209 26.69 34.23 59.95
C SER E 209 27.56 32.99 59.62
N SER E 210 27.48 32.45 58.39
CA SER E 210 28.28 31.30 57.94
C SER E 210 29.61 31.72 57.27
N LEU E 211 29.76 33.03 57.03
CA LEU E 211 30.96 33.66 56.45
C LEU E 211 32.05 33.56 57.55
N GLY E 212 33.11 32.84 57.25
CA GLY E 212 34.21 32.64 58.19
C GLY E 212 34.15 31.32 58.93
N THR E 213 33.07 30.55 58.71
CA THR E 213 32.76 29.25 59.33
C THR E 213 32.62 28.17 58.25
N GLN E 214 31.93 28.51 57.14
CA GLN E 214 31.73 27.61 56.02
C GLN E 214 32.61 27.95 54.86
N THR E 215 33.28 26.94 54.34
CA THR E 215 34.11 27.10 53.16
C THR E 215 33.17 27.01 51.97
N TYR E 216 33.36 27.92 51.02
CA TYR E 216 32.59 27.93 49.79
C TYR E 216 33.57 27.85 48.65
N ILE E 217 33.37 26.84 47.81
CA ILE E 217 34.22 26.56 46.65
C ILE E 217 33.35 26.39 45.44
N CYS E 218 33.67 27.09 44.35
CA CYS E 218 32.93 26.87 43.10
C CYS E 218 33.78 25.92 42.23
N ASN E 219 33.12 24.92 41.64
CA ASN E 219 33.75 23.92 40.78
C ASN E 219 33.34 24.24 39.36
N VAL E 220 34.33 24.73 38.60
CA VAL E 220 34.12 25.16 37.22
C VAL E 220 34.67 24.12 36.28
N ASN E 221 33.87 23.70 35.30
CA ASN E 221 34.39 22.76 34.31
C ASN E 221 34.10 23.25 32.89
N HIS E 222 35.14 23.43 32.10
CA HIS E 222 35.06 23.81 30.68
C HIS E 222 35.61 22.61 29.89
N LYS E 223 34.74 21.60 29.61
CA LYS E 223 35.15 20.38 28.91
C LYS E 223 35.81 20.67 27.52
N PRO E 224 35.37 21.67 26.71
CA PRO E 224 36.06 21.94 25.43
C PRO E 224 37.57 22.23 25.51
N SER E 225 38.06 22.81 26.61
CA SER E 225 39.50 23.07 26.78
C SER E 225 40.08 22.21 27.89
N ASN E 226 39.33 21.19 28.36
CA ASN E 226 39.72 20.32 29.50
C ASN E 226 40.17 21.16 30.71
N THR E 227 39.42 22.25 31.04
CA THR E 227 39.74 23.10 32.20
C THR E 227 38.81 22.74 33.37
N LYS E 228 39.36 22.32 34.55
CA LYS E 228 38.58 22.07 35.77
C LYS E 228 39.22 22.93 36.87
N VAL E 229 38.50 23.94 37.38
CA VAL E 229 39.04 24.83 38.41
C VAL E 229 38.13 24.77 39.63
N ASP E 230 38.71 24.58 40.84
CA ASP E 230 37.98 24.61 42.11
C ASP E 230 38.46 25.84 42.85
N LYS E 231 37.64 26.89 42.86
CA LYS E 231 38.03 28.18 43.43
C LYS E 231 37.40 28.47 44.82
N LYS E 232 38.25 28.63 45.84
CA LYS E 232 37.76 28.96 47.18
C LYS E 232 37.39 30.46 47.23
N VAL E 233 36.16 30.74 47.69
CA VAL E 233 35.65 32.10 47.74
C VAL E 233 35.50 32.48 49.19
N GLU E 234 36.26 33.48 49.63
CA GLU E 234 36.20 33.86 51.03
C GLU E 234 36.05 35.37 51.21
N PRO E 235 35.58 35.87 52.39
CA PRO E 235 35.50 37.34 52.58
C PRO E 235 36.89 37.98 52.46
N LYS E 236 36.97 39.20 51.96
CA LYS E 236 38.30 39.78 51.83
C LYS E 236 38.72 40.53 53.11
N SER E 237 39.91 40.15 53.65
CA SER E 237 40.52 40.70 54.87
C SER E 237 42.05 40.71 54.71
N ILE F 2 40.96 -27.06 -3.00
CA ILE F 2 39.69 -26.37 -2.77
C ILE F 2 39.45 -26.18 -1.25
N HIS F 3 38.93 -25.00 -0.84
CA HIS F 3 38.62 -24.62 0.55
C HIS F 3 37.28 -23.87 0.59
N VAL F 4 36.36 -24.26 1.49
CA VAL F 4 35.07 -23.57 1.61
C VAL F 4 34.79 -23.17 3.06
N THR F 5 34.88 -21.86 3.35
CA THR F 5 34.65 -21.27 4.67
C THR F 5 33.14 -21.29 4.98
N ILE F 6 32.73 -22.12 5.97
CA ILE F 6 31.34 -22.31 6.40
C ILE F 6 31.14 -21.96 7.90
N PRO F 7 29.98 -21.38 8.31
CA PRO F 7 29.79 -21.04 9.73
C PRO F 7 29.70 -22.22 10.70
N ALA F 8 29.87 -21.95 12.01
CA ALA F 8 29.86 -22.91 13.11
C ALA F 8 28.57 -23.71 13.23
N ASP F 9 27.40 -23.04 13.11
CA ASP F 9 26.06 -23.65 13.19
C ASP F 9 25.80 -24.67 12.08
N LEU F 10 26.40 -24.44 10.89
CA LEU F 10 26.29 -25.30 9.72
C LEU F 10 27.06 -26.62 9.92
N TRP F 11 28.31 -26.57 10.43
CA TRP F 11 29.16 -27.76 10.68
C TRP F 11 28.55 -28.68 11.75
N ASP F 12 27.98 -28.09 12.83
CA ASP F 12 27.33 -28.82 13.93
C ASP F 12 26.17 -29.66 13.38
N TRP F 13 25.41 -29.09 12.43
CA TRP F 13 24.29 -29.70 11.74
C TRP F 13 24.76 -30.85 10.82
N ILE F 14 25.96 -30.70 10.23
CA ILE F 14 26.58 -31.71 9.34
C ILE F 14 27.08 -32.91 10.18
N ASN F 15 27.74 -32.63 11.33
CA ASN F 15 28.26 -33.64 12.25
C ASN F 15 27.44 -33.70 13.54
N ASN G 1 10.51 24.45 -3.69
CA ASN G 1 10.46 24.57 -2.21
C ASN G 1 9.22 25.37 -1.74
N PHE G 2 9.03 25.50 -0.42
CA PHE G 2 7.88 26.21 0.16
C PHE G 2 8.24 26.70 1.54
N MET G 3 7.41 27.59 2.07
CA MET G 3 7.58 28.11 3.43
C MET G 3 6.31 27.93 4.24
N LEU G 4 6.47 27.98 5.55
CA LEU G 4 5.40 27.86 6.54
C LEU G 4 5.42 29.10 7.40
N THR G 5 4.31 29.85 7.41
CA THR G 5 4.18 31.08 8.16
C THR G 5 3.37 30.87 9.43
N GLN G 6 3.97 31.23 10.57
CA GLN G 6 3.40 31.14 11.91
C GLN G 6 3.48 32.53 12.54
N PRO G 7 2.56 32.91 13.47
CA PRO G 7 2.74 34.21 14.15
C PRO G 7 4.01 34.13 15.02
N HIS G 8 4.85 35.20 15.04
CA HIS G 8 6.08 35.25 15.86
C HIS G 8 5.75 35.04 17.36
N SER G 9 4.65 35.64 17.83
CA SER G 9 4.22 35.48 19.22
C SER G 9 2.70 35.52 19.41
N VAL G 10 2.21 34.82 20.43
CA VAL G 10 0.79 34.82 20.80
C VAL G 10 0.76 34.98 22.33
N SER G 11 -0.15 35.81 22.84
CA SER G 11 -0.38 36.01 24.27
C SER G 11 -1.84 35.76 24.58
N GLU G 12 -2.10 34.91 25.56
CA GLU G 12 -3.46 34.61 25.99
C GLU G 12 -3.50 34.43 27.48
N SER G 13 -4.67 34.70 28.03
CA SER G 13 -4.95 34.60 29.44
C SER G 13 -5.29 33.14 29.80
N PRO G 14 -4.98 32.70 31.06
CA PRO G 14 -5.22 31.29 31.44
C PRO G 14 -6.67 30.82 31.39
N GLY G 15 -6.86 29.52 31.08
CA GLY G 15 -8.18 28.90 30.97
C GLY G 15 -8.86 29.13 29.63
N LYS G 16 -8.29 30.01 28.81
CA LYS G 16 -8.86 30.28 27.50
C LYS G 16 -8.40 29.26 26.46
N THR G 17 -8.94 29.38 25.24
CA THR G 17 -8.57 28.53 24.12
C THR G 17 -7.66 29.37 23.22
N VAL G 18 -6.48 28.82 22.87
CA VAL G 18 -5.53 29.51 22.01
C VAL G 18 -5.31 28.71 20.73
N THR G 19 -5.30 29.41 19.59
CA THR G 19 -5.03 28.78 18.30
C THR G 19 -3.75 29.36 17.69
N ILE G 20 -2.86 28.47 17.25
CA ILE G 20 -1.61 28.86 16.57
C ILE G 20 -1.79 28.35 15.14
N SER G 21 -1.80 29.26 14.13
CA SER G 21 -1.95 28.86 12.74
C SER G 21 -0.60 28.71 12.03
N CYS G 22 -0.60 27.94 10.94
CA CYS G 22 0.55 27.63 10.14
C CYS G 22 0.11 27.58 8.68
N THR G 23 0.45 28.62 7.90
CA THR G 23 0.09 28.76 6.49
C THR G 23 1.21 28.33 5.53
N ARG G 24 0.89 27.39 4.64
CA ARG G 24 1.79 26.86 3.62
C ARG G 24 1.73 27.78 2.39
N SER G 25 2.90 28.26 1.90
CA SER G 25 3.00 29.20 0.78
C SER G 25 2.64 28.62 -0.56
N SER G 26 3.16 27.42 -0.86
CA SER G 26 2.94 26.71 -2.11
C SER G 26 2.79 25.22 -1.83
N GLY G 27 2.09 24.53 -2.72
CA GLY G 27 1.77 23.11 -2.54
C GLY G 27 0.53 22.99 -1.69
N SER G 28 -0.29 21.97 -1.96
CA SER G 28 -1.54 21.72 -1.23
C SER G 28 -1.25 21.13 0.15
N LEU G 29 -1.64 21.86 1.21
CA LEU G 29 -1.45 21.47 2.60
C LEU G 29 -2.01 20.09 2.91
N ALA G 30 -3.24 19.79 2.45
CA ALA G 30 -3.94 18.51 2.66
C ALA G 30 -3.22 17.31 2.05
N ASN G 31 -2.20 17.53 1.22
CA ASN G 31 -1.47 16.43 0.59
C ASN G 31 -0.34 15.87 1.44
N TYR G 32 0.06 16.59 2.52
CA TYR G 32 1.18 16.18 3.36
C TYR G 32 0.87 16.40 4.83
N TYR G 33 1.18 15.43 5.68
CA TYR G 33 0.92 15.49 7.13
C TYR G 33 1.61 16.66 7.83
N VAL G 34 0.90 17.27 8.81
CA VAL G 34 1.42 18.40 9.60
C VAL G 34 1.74 17.95 11.03
N GLN G 35 2.93 18.30 11.50
CA GLN G 35 3.40 18.01 12.85
C GLN G 35 3.54 19.30 13.59
N TRP G 36 3.38 19.23 14.91
CA TRP G 36 3.53 20.34 15.85
C TRP G 36 4.41 19.93 16.98
N TYR G 37 5.44 20.76 17.26
CA TYR G 37 6.41 20.53 18.33
C TYR G 37 6.40 21.63 19.35
N GLN G 38 6.63 21.25 20.61
CA GLN G 38 6.79 22.16 21.73
C GLN G 38 8.26 22.17 22.13
N GLN G 39 8.83 23.37 22.34
CA GLN G 39 10.19 23.48 22.83
C GLN G 39 10.25 24.42 24.01
N ARG G 40 10.63 23.87 25.17
CA ARG G 40 10.83 24.63 26.41
C ARG G 40 12.28 25.16 26.40
N PRO G 41 12.61 26.25 27.15
CA PRO G 41 14.00 26.75 27.14
C PRO G 41 15.07 25.70 27.52
N GLY G 42 16.13 25.62 26.72
CA GLY G 42 17.24 24.68 26.92
C GLY G 42 16.88 23.20 26.82
N SER G 43 15.78 22.88 26.12
CA SER G 43 15.32 21.52 25.96
C SER G 43 15.20 21.13 24.48
N SER G 44 15.24 19.82 24.23
CA SER G 44 14.98 19.21 22.95
C SER G 44 13.50 19.45 22.62
N PRO G 45 13.12 19.59 21.33
CA PRO G 45 11.69 19.71 21.02
C PRO G 45 11.00 18.38 21.31
N THR G 46 9.71 18.45 21.67
CA THR G 46 8.91 17.26 21.91
C THR G 46 7.73 17.33 20.94
N ILE G 47 7.17 16.18 20.58
CA ILE G 47 6.03 16.21 19.68
C ILE G 47 4.72 16.40 20.51
N VAL G 48 3.86 17.29 20.02
CA VAL G 48 2.59 17.57 20.65
C VAL G 48 1.53 16.91 19.76
N ILE G 49 1.70 17.07 18.43
CA ILE G 49 0.80 16.53 17.42
C ILE G 49 1.65 16.04 16.25
N PHE G 50 1.29 14.87 15.70
CA PHE G 50 1.89 14.29 14.49
C PHE G 50 0.74 13.86 13.59
N ALA G 51 0.99 13.75 12.26
CA ALA G 51 -0.01 13.34 11.28
C ALA G 51 -1.35 14.13 11.39
N ASN G 52 -1.24 15.47 11.41
CA ASN G 52 -2.31 16.48 11.51
C ASN G 52 -3.00 16.58 12.87
N ASN G 53 -3.44 15.42 13.46
CA ASN G 53 -4.24 15.46 14.69
C ASN G 53 -3.96 14.35 15.70
N GLN G 54 -2.93 13.54 15.46
CA GLN G 54 -2.57 12.46 16.38
C GLN G 54 -1.82 12.97 17.57
N ARG G 55 -2.37 12.66 18.73
CA ARG G 55 -1.83 13.07 20.00
C ARG G 55 -1.16 11.89 20.66
N PRO G 56 0.17 11.93 20.84
CA PRO G 56 0.83 10.82 21.53
C PRO G 56 0.44 10.74 23.01
N SER G 57 0.62 9.55 23.62
CA SER G 57 0.37 9.36 25.05
C SER G 57 1.35 10.26 25.83
N GLY G 58 0.86 10.87 26.89
CA GLY G 58 1.64 11.80 27.69
C GLY G 58 1.31 13.25 27.40
N VAL G 59 0.73 13.50 26.18
CA VAL G 59 0.32 14.83 25.76
C VAL G 59 -1.12 15.05 26.24
N PRO G 60 -1.40 16.12 27.03
CA PRO G 60 -2.77 16.33 27.53
C PRO G 60 -3.82 16.49 26.43
N ASP G 61 -5.04 16.01 26.70
CA ASP G 61 -6.25 16.08 25.85
C ASP G 61 -6.58 17.51 25.36
N ARG G 62 -6.08 18.54 26.08
CA ARG G 62 -6.20 19.99 25.85
C ARG G 62 -5.57 20.41 24.50
N PHE G 63 -4.57 19.67 24.03
CA PHE G 63 -3.87 19.94 22.77
C PHE G 63 -4.55 19.22 21.64
N SER G 64 -4.81 19.92 20.53
CA SER G 64 -5.44 19.31 19.36
C SER G 64 -4.97 19.95 18.06
N GLY G 65 -4.88 19.15 17.01
CA GLY G 65 -4.48 19.62 15.69
C GLY G 65 -5.61 19.52 14.69
N SER G 66 -5.61 20.40 13.71
CA SER G 66 -6.60 20.45 12.62
C SER G 66 -5.98 21.09 11.38
N ILE G 67 -6.67 20.92 10.25
CA ILE G 67 -6.23 21.47 8.95
C ILE G 67 -7.41 22.16 8.26
N ASP G 68 -7.10 23.19 7.48
CA ASP G 68 -8.09 23.93 6.71
C ASP G 68 -7.55 24.05 5.29
N SER G 69 -8.04 23.16 4.40
CA SER G 69 -7.60 23.13 3.00
C SER G 69 -7.94 24.40 2.20
N SER G 70 -9.04 25.11 2.55
CA SER G 70 -9.41 26.33 1.83
C SER G 70 -8.41 27.48 2.08
N SER G 71 -7.89 27.58 3.32
CA SER G 71 -6.90 28.59 3.69
C SER G 71 -5.44 28.10 3.57
N ASN G 72 -5.24 26.80 3.17
CA ASN G 72 -3.95 26.11 3.03
C ASN G 72 -3.14 26.21 4.35
N SER G 73 -3.83 26.01 5.48
CA SER G 73 -3.22 26.18 6.79
C SER G 73 -3.58 25.10 7.79
N ALA G 74 -2.69 24.92 8.78
CA ALA G 74 -2.89 23.96 9.87
C ALA G 74 -3.00 24.75 11.17
N SER G 75 -3.69 24.18 12.15
CA SER G 75 -3.83 24.86 13.43
C SER G 75 -3.53 23.96 14.61
N LEU G 76 -2.88 24.54 15.64
CA LEU G 76 -2.68 23.86 16.90
C LEU G 76 -3.57 24.61 17.87
N THR G 77 -4.52 23.90 18.49
CA THR G 77 -5.47 24.43 19.45
C THR G 77 -5.11 23.92 20.83
N ILE G 78 -5.05 24.85 21.80
CA ILE G 78 -4.82 24.54 23.20
C ILE G 78 -6.02 25.06 23.99
N SER G 79 -6.80 24.15 24.57
CA SER G 79 -7.96 24.52 25.41
C SER G 79 -7.52 24.53 26.89
N GLY G 80 -8.22 25.30 27.73
CA GLY G 80 -7.92 25.37 29.15
C GLY G 80 -6.48 25.75 29.44
N LEU G 81 -5.95 26.75 28.70
CA LEU G 81 -4.56 27.21 28.74
C LEU G 81 -3.99 27.37 30.16
N LYS G 82 -2.81 26.77 30.41
CA LYS G 82 -2.13 26.83 31.70
C LYS G 82 -0.76 27.52 31.48
N THR G 83 -0.18 28.13 32.55
CA THR G 83 1.13 28.79 32.50
C THR G 83 2.24 27.81 32.07
N GLU G 84 2.09 26.52 32.42
CA GLU G 84 2.98 25.42 32.00
C GLU G 84 3.02 25.25 30.46
N ASP G 85 2.01 25.80 29.71
CA ASP G 85 1.98 25.72 28.25
C ASP G 85 2.91 26.77 27.58
N GLU G 86 3.49 27.69 28.37
CA GLU G 86 4.45 28.65 27.83
C GLU G 86 5.67 27.90 27.30
N ALA G 87 5.98 28.16 26.02
CA ALA G 87 7.04 27.48 25.26
C ALA G 87 6.99 28.00 23.83
N ASP G 88 7.87 27.48 22.98
CA ASP G 88 7.88 27.77 21.55
C ASP G 88 7.20 26.58 20.84
N TYR G 89 6.40 26.88 19.83
CA TYR G 89 5.66 25.89 19.05
C TYR G 89 6.02 26.01 17.60
N TYR G 90 6.41 24.87 16.98
CA TYR G 90 6.78 24.85 15.58
C TYR G 90 5.88 23.89 14.81
N CYS G 91 5.38 24.36 13.69
CA CYS G 91 4.65 23.47 12.80
C CYS G 91 5.70 22.95 11.83
N GLN G 92 5.41 21.83 11.22
CA GLN G 92 6.34 21.20 10.30
C GLN G 92 5.55 20.39 9.31
N THR G 93 6.00 20.39 8.06
CA THR G 93 5.42 19.55 7.03
C THR G 93 6.51 19.28 5.96
N TYR G 94 6.10 18.75 4.80
CA TYR G 94 7.05 18.32 3.80
C TYR G 94 6.43 18.30 2.42
N ASP G 95 7.26 17.95 1.43
CA ASP G 95 6.83 17.71 0.07
C ASP G 95 7.58 16.43 -0.35
N PRO G 96 7.50 15.91 -1.59
CA PRO G 96 8.27 14.69 -1.92
C PRO G 96 9.81 14.78 -1.76
N TYR G 97 10.37 15.96 -1.56
N TYR G 97 10.39 16.03 -1.74
CA TYR G 97 11.81 16.02 -1.33
CA TYR G 97 11.82 16.35 -1.76
C TYR G 97 12.13 16.64 0.02
C TYR G 97 12.45 17.06 -0.53
N SER G 98 11.65 17.86 0.21
CA SER G 98 12.00 18.68 1.37
C SER G 98 11.20 18.43 2.61
N VAL G 99 11.71 18.92 3.75
CA VAL G 99 11.05 18.94 5.04
C VAL G 99 11.23 20.40 5.46
N VAL G 100 10.14 21.05 5.92
CA VAL G 100 10.16 22.46 6.28
C VAL G 100 9.56 22.69 7.67
N PHE G 101 10.23 23.51 8.49
CA PHE G 101 9.64 23.91 9.79
C PHE G 101 9.15 25.35 9.62
N GLY G 102 8.08 25.70 10.34
CA GLY G 102 7.64 27.09 10.42
C GLY G 102 8.64 27.84 11.28
N GLY G 103 8.59 29.17 11.28
CA GLY G 103 9.49 30.00 12.07
C GLY G 103 9.38 29.88 13.59
N GLY G 104 8.28 29.31 14.07
CA GLY G 104 8.04 29.16 15.50
C GLY G 104 7.17 30.26 16.08
N THR G 105 6.41 29.92 17.14
CA THR G 105 5.53 30.85 17.84
C THR G 105 5.86 30.81 19.31
N LYS G 106 6.22 31.96 19.85
CA LYS G 106 6.47 32.05 21.29
C LYS G 106 5.09 32.22 21.94
N LEU G 107 4.69 31.28 22.81
CA LEU G 107 3.39 31.40 23.47
C LEU G 107 3.57 31.96 24.85
N THR G 108 2.93 33.11 25.13
CA THR G 108 2.98 33.76 26.44
C THR G 108 1.65 33.58 27.14
N VAL G 109 1.69 33.21 28.43
CA VAL G 109 0.47 33.11 29.24
C VAL G 109 0.47 34.34 30.16
N LEU G 110 -0.57 35.14 30.07
CA LEU G 110 -0.74 36.39 30.80
C LEU G 110 -1.24 36.23 32.21
N GLY G 111 -1.18 37.31 32.99
CA GLY G 111 -1.68 37.35 34.38
C GLY G 111 -0.73 36.86 35.44
N GLN G 112 0.52 36.58 35.08
CA GLN G 112 1.53 36.09 36.00
C GLN G 112 2.01 37.26 36.92
N PRO G 113 2.24 36.99 38.23
CA PRO G 113 2.61 38.10 39.14
C PRO G 113 3.94 38.77 38.79
N LYS G 114 3.97 40.08 39.01
CA LYS G 114 5.15 40.92 38.81
C LYS G 114 6.12 40.60 39.96
N ALA G 115 7.43 40.64 39.68
CA ALA G 115 8.49 40.31 40.64
C ALA G 115 9.64 41.27 40.42
N ALA G 116 10.06 41.94 41.49
CA ALA G 116 11.13 42.92 41.50
C ALA G 116 12.46 42.16 41.45
N PRO G 117 13.47 42.71 40.75
CA PRO G 117 14.78 42.02 40.68
C PRO G 117 15.68 42.15 41.94
N SER G 118 16.46 41.08 42.29
CA SER G 118 17.49 41.19 43.33
C SER G 118 18.71 41.64 42.53
N VAL G 119 19.33 42.76 42.91
CA VAL G 119 20.53 43.21 42.20
C VAL G 119 21.78 43.08 43.11
N THR G 120 22.87 42.47 42.60
CA THR G 120 24.13 42.39 43.32
C THR G 120 25.25 42.85 42.42
N LEU G 121 26.05 43.79 42.91
CA LEU G 121 27.21 44.28 42.16
C LEU G 121 28.51 43.92 42.87
N PHE G 122 29.43 43.28 42.12
CA PHE G 122 30.74 42.93 42.62
C PHE G 122 31.83 43.82 41.96
N PRO G 123 32.81 44.26 42.77
CA PRO G 123 33.95 45.01 42.19
C PRO G 123 34.96 44.03 41.56
N PRO G 124 36.08 44.46 40.92
CA PRO G 124 37.06 43.47 40.43
C PRO G 124 37.72 42.75 41.61
N SER G 125 38.10 41.47 41.42
CA SER G 125 38.81 40.69 42.43
C SER G 125 40.27 41.17 42.44
N SER G 126 41.00 40.93 43.56
CA SER G 126 42.43 41.26 43.67
C SER G 126 43.22 40.48 42.61
N GLU G 127 42.85 39.21 42.35
CA GLU G 127 43.51 38.33 41.37
C GLU G 127 43.46 38.90 39.95
N GLU G 128 42.31 39.40 39.56
CA GLU G 128 42.10 40.00 38.24
C GLU G 128 42.89 41.32 38.13
N LEU G 129 42.84 42.19 39.18
CA LEU G 129 43.59 43.46 39.20
C LEU G 129 45.10 43.22 39.04
N GLN G 130 45.60 42.14 39.68
CA GLN G 130 46.98 41.74 39.62
C GLN G 130 47.38 41.31 38.20
N ALA G 131 46.41 40.78 37.42
CA ALA G 131 46.58 40.36 36.03
C ALA G 131 46.33 41.55 35.06
N ASN G 132 46.34 42.78 35.58
CA ASN G 132 46.15 44.05 34.86
C ASN G 132 44.80 44.13 34.12
N LYS G 133 43.75 43.56 34.73
CA LYS G 133 42.39 43.54 34.19
C LYS G 133 41.42 43.95 35.31
N ALA G 134 40.20 44.33 34.96
CA ALA G 134 39.20 44.76 35.92
C ALA G 134 37.79 44.60 35.33
N THR G 135 36.98 43.73 35.93
CA THR G 135 35.62 43.52 35.51
C THR G 135 34.68 43.78 36.69
N LEU G 136 33.67 44.64 36.47
CA LEU G 136 32.58 44.85 37.40
C LEU G 136 31.44 43.92 36.92
N VAL G 137 30.82 43.22 37.88
CA VAL G 137 29.80 42.23 37.60
C VAL G 137 28.50 42.63 38.29
N CYS G 138 27.47 42.87 37.49
CA CYS G 138 26.15 43.24 38.00
C CYS G 138 25.17 42.11 37.72
N LEU G 139 24.73 41.42 38.75
CA LEU G 139 23.82 40.27 38.63
C LEU G 139 22.42 40.64 38.99
N ILE G 140 21.47 40.25 38.12
CA ILE G 140 20.06 40.60 38.24
C ILE G 140 19.22 39.37 38.18
N SER G 141 18.50 39.07 39.24
CA SER G 141 17.72 37.83 39.21
C SER G 141 16.33 37.97 39.77
N ASP G 142 15.48 36.94 39.55
CA ASP G 142 14.12 36.80 40.08
C ASP G 142 13.17 37.96 39.74
N PHE G 143 13.22 38.44 38.50
CA PHE G 143 12.32 39.49 38.05
C PHE G 143 11.28 38.95 37.02
N TYR G 144 10.09 39.54 37.02
CA TYR G 144 9.00 39.22 36.09
C TYR G 144 8.17 40.48 35.87
N PRO G 145 7.90 40.91 34.62
CA PRO G 145 8.28 40.32 33.31
C PRO G 145 9.76 40.45 33.02
N GLY G 146 10.17 39.85 31.91
CA GLY G 146 11.57 39.81 31.47
C GLY G 146 12.20 41.08 30.94
N ALA G 147 11.49 42.23 30.91
CA ALA G 147 12.10 43.45 30.38
C ALA G 147 12.82 44.21 31.50
N VAL G 148 14.09 44.52 31.28
CA VAL G 148 14.95 45.22 32.24
C VAL G 148 15.91 46.13 31.50
N THR G 149 16.20 47.33 32.06
CA THR G 149 17.19 48.27 31.51
C THR G 149 18.36 48.34 32.50
N VAL G 150 19.58 48.25 31.98
CA VAL G 150 20.78 48.30 32.80
C VAL G 150 21.66 49.52 32.36
N ALA G 151 21.95 50.43 33.29
CA ALA G 151 22.85 51.57 32.98
C ALA G 151 24.02 51.57 33.96
N TRP G 152 25.19 52.01 33.51
CA TRP G 152 26.38 52.09 34.35
C TRP G 152 26.84 53.54 34.51
N LYS G 153 27.39 53.87 35.67
CA LYS G 153 27.94 55.18 35.95
C LYS G 153 29.37 55.04 36.48
N ALA G 154 30.28 55.93 36.03
CA ALA G 154 31.67 56.11 36.50
C ALA G 154 31.50 57.42 37.29
N ASP G 155 31.46 57.30 38.64
CA ASP G 155 31.06 58.37 39.58
C ASP G 155 29.59 58.67 39.24
N SER G 156 29.28 59.82 38.63
CA SER G 156 27.92 60.19 38.21
C SER G 156 27.81 60.22 36.68
N SER G 157 28.91 59.94 35.98
CA SER G 157 28.93 59.97 34.52
C SER G 157 28.45 58.68 33.86
N PRO G 158 27.44 58.75 32.96
CA PRO G 158 27.02 57.53 32.25
C PRO G 158 28.20 56.95 31.44
N VAL G 159 28.32 55.63 31.42
CA VAL G 159 29.39 54.94 30.69
C VAL G 159 28.75 53.89 29.80
N LYS G 160 29.08 53.92 28.49
CA LYS G 160 28.59 52.92 27.55
C LYS G 160 29.69 52.00 27.02
N ALA G 161 30.95 52.49 26.97
CA ALA G 161 32.06 51.70 26.48
C ALA G 161 32.46 50.64 27.51
N GLY G 162 32.68 49.43 27.01
CA GLY G 162 33.09 48.28 27.81
C GLY G 162 31.97 47.55 28.49
N VAL G 163 30.70 47.87 28.16
CA VAL G 163 29.60 47.18 28.81
C VAL G 163 29.02 46.07 27.91
N GLU G 164 28.81 44.88 28.52
CA GLU G 164 28.24 43.71 27.86
C GLU G 164 27.11 43.21 28.78
N THR G 165 25.86 43.20 28.28
CA THR G 165 24.66 42.79 29.02
C THR G 165 23.97 41.64 28.28
N THR G 166 23.56 40.62 29.02
CA THR G 166 22.85 39.49 28.41
C THR G 166 21.41 39.87 28.19
N THR G 167 20.75 39.19 27.24
CA THR G 167 19.30 39.34 27.08
C THR G 167 18.75 38.45 28.20
N PRO G 168 17.70 38.89 28.91
CA PRO G 168 17.21 38.10 30.07
C PRO G 168 16.65 36.73 29.70
N SER G 169 16.84 35.72 30.56
CA SER G 169 16.28 34.40 30.29
C SER G 169 15.69 33.76 31.51
N LYS G 170 14.69 32.91 31.30
CA LYS G 170 13.99 32.27 32.41
C LYS G 170 14.84 31.30 33.17
N GLN G 171 14.67 31.31 34.49
CA GLN G 171 15.29 30.46 35.49
C GLN G 171 14.33 29.27 35.72
N SER G 172 14.72 28.31 36.57
CA SER G 172 13.92 27.15 36.94
C SER G 172 12.64 27.53 37.71
N ASN G 173 12.61 28.71 38.37
CA ASN G 173 11.46 29.23 39.12
C ASN G 173 10.50 30.10 38.27
N ASN G 174 10.73 30.12 36.95
CA ASN G 174 9.94 30.81 35.92
C ASN G 174 10.03 32.34 36.01
N LYS G 175 11.08 32.80 36.71
CA LYS G 175 11.38 34.22 36.82
C LYS G 175 12.60 34.45 35.93
N TYR G 176 12.95 35.70 35.61
CA TYR G 176 14.09 35.99 34.74
C TYR G 176 15.35 36.40 35.50
N ALA G 177 16.49 36.20 34.84
CA ALA G 177 17.82 36.56 35.29
C ALA G 177 18.56 37.21 34.15
N ALA G 178 19.49 38.11 34.47
CA ALA G 178 20.34 38.77 33.48
C ALA G 178 21.60 39.20 34.20
N SER G 179 22.64 39.50 33.41
CA SER G 179 23.89 39.97 33.97
C SER G 179 24.50 41.00 33.06
N SER G 180 25.27 41.91 33.65
CA SER G 180 25.93 43.00 32.93
C SER G 180 27.34 43.11 33.44
N TYR G 181 28.29 43.23 32.51
CA TYR G 181 29.71 43.29 32.76
C TYR G 181 30.25 44.59 32.28
N LEU G 182 31.03 45.25 33.14
CA LEU G 182 31.72 46.48 32.78
C LEU G 182 33.23 46.20 32.83
N SER G 183 33.87 46.23 31.65
CA SER G 183 35.33 46.03 31.53
C SER G 183 36.06 47.37 31.60
N LEU G 184 37.04 47.46 32.51
CA LEU G 184 37.84 48.67 32.74
C LEU G 184 39.28 48.28 32.83
N THR G 185 40.18 49.28 32.79
CA THR G 185 41.58 49.02 33.02
C THR G 185 41.72 49.19 34.54
N PRO G 186 42.72 48.58 35.23
CA PRO G 186 42.89 48.86 36.68
C PRO G 186 43.00 50.37 36.99
N GLU G 187 43.59 51.17 36.07
CA GLU G 187 43.78 52.63 36.19
C GLU G 187 42.44 53.38 36.21
N GLN G 188 41.50 53.06 35.30
CA GLN G 188 40.14 53.64 35.29
C GLN G 188 39.44 53.25 36.60
N TRP G 189 39.56 51.96 37.04
CA TRP G 189 38.94 51.50 38.30
C TRP G 189 39.44 52.32 39.51
N LYS G 190 40.75 52.48 39.64
CA LYS G 190 41.38 53.19 40.78
C LYS G 190 41.23 54.72 40.75
N SER G 191 41.05 55.33 39.55
CA SER G 191 40.93 56.78 39.40
C SER G 191 39.55 57.37 39.71
N HIS G 192 38.50 56.52 39.76
CA HIS G 192 37.17 57.03 40.09
C HIS G 192 36.87 56.76 41.55
N ARG G 193 35.95 57.54 42.13
CA ARG G 193 35.55 57.39 43.52
C ARG G 193 34.66 56.15 43.65
N SER G 194 33.81 55.90 42.64
CA SER G 194 32.91 54.76 42.63
C SER G 194 32.39 54.47 41.24
N TYR G 195 31.74 53.29 41.09
CA TYR G 195 31.05 52.86 39.89
C TYR G 195 29.69 52.35 40.34
N SER G 196 28.68 52.55 39.53
CA SER G 196 27.33 52.12 39.86
C SER G 196 26.69 51.37 38.72
N CYS G 197 25.85 50.41 39.09
CA CYS G 197 25.01 49.66 38.17
C CYS G 197 23.56 50.06 38.56
N GLN G 198 22.81 50.63 37.59
CA GLN G 198 21.42 51.08 37.77
C GLN G 198 20.54 50.13 36.97
N VAL G 199 19.56 49.55 37.63
CA VAL G 199 18.69 48.56 36.99
C VAL G 199 17.25 49.05 37.06
N THR G 200 16.65 49.29 35.89
CA THR G 200 15.26 49.74 35.79
C THR G 200 14.36 48.57 35.35
N HIS G 201 13.35 48.28 36.18
CA HIS G 201 12.36 47.24 35.93
C HIS G 201 10.97 47.80 36.29
N GLU G 202 10.06 47.82 35.30
CA GLU G 202 8.68 48.31 35.47
C GLU G 202 8.59 49.71 36.07
N GLY G 203 9.46 50.60 35.61
CA GLY G 203 9.50 52.00 36.03
C GLY G 203 10.24 52.32 37.32
N SER G 204 10.68 51.31 38.07
CA SER G 204 11.43 51.54 39.32
C SER G 204 12.90 51.22 39.09
N THR G 205 13.79 52.04 39.64
CA THR G 205 15.23 51.85 39.49
C THR G 205 15.90 51.54 40.81
N VAL G 206 16.71 50.52 40.80
CA VAL G 206 17.57 50.14 41.92
C VAL G 206 18.97 50.51 41.42
N GLU G 207 19.75 51.07 42.32
CA GLU G 207 21.14 51.39 42.01
C GLU G 207 22.10 50.74 43.02
N LYS G 208 23.14 50.02 42.54
CA LYS G 208 24.17 49.43 43.40
C LYS G 208 25.50 50.11 43.09
N THR G 209 26.30 50.35 44.12
CA THR G 209 27.57 51.07 43.99
C THR G 209 28.72 50.31 44.64
N VAL G 210 29.92 50.37 44.03
CA VAL G 210 31.17 49.79 44.54
C VAL G 210 32.25 50.83 44.39
N ALA G 211 33.24 50.79 45.25
CA ALA G 211 34.33 51.75 45.26
C ALA G 211 35.66 51.03 45.38
N PRO G 212 36.77 51.56 44.80
CA PRO G 212 38.07 50.88 44.96
C PRO G 212 38.55 50.86 46.42
N THR G 213 39.20 49.75 46.82
CA THR G 213 39.73 49.41 48.16
C THR G 213 38.60 49.32 49.21
#